data_7Y0S
#
_entry.id   7Y0S
#
_cell.length_a   57.432
_cell.length_b   143.775
_cell.length_c   63.043
_cell.angle_alpha   90.000
_cell.angle_beta   99.830
_cell.angle_gamma   90.000
#
_symmetry.space_group_name_H-M   'P 1 21 1'
#
loop_
_entity.id
_entity.type
_entity.pdbx_description
1 polymer 'Bifunctional cytochrome P450/NADPH--P450 reductase'
2 polymer I7X-TYR-TYR
3 non-polymer 'PROTOPORPHYRIN IX CONTAINING FE'
4 non-polymer HYDROXYAMINE
5 water water
#
loop_
_entity_poly.entity_id
_entity_poly.type
_entity_poly.pdbx_seq_one_letter_code
_entity_poly.pdbx_strand_id
1 'polypeptide(L)'
;GMTIKEMPQPKTFGELKNLPLLNTDKPVQALMKIADELGEIFKFEAPGRVTRYLSSQRLIKEACDESRFDKNLSQALKFV
RDFAGDGLATSWTHEKNWKKAHNILLPSFSQQAMKGYHAMMVDIAVQLVQKWERLNADEHIEVPEDMTRLTLDTIGLCGF
NYRFNSFYRDQPHPFITSMVRALDEAMNKLQRANPDDPAYDENKRQFQEDIKVMNDLVDKIIADRKASGEQSDDLLTHML
NGKDPETGEPLDDENIRYQIITFLIAGHETTSGLLSFALYFLVKNPHVLQKAAEEAARVLVDPVPSYKQVKQLKYVGMVL
NEALRLWPTAPAFSLYAKEDTVLGGEYPLEKGDELMVLIPQLHRDKTIWGDDVEEFRPERFENPSAIPQHAFKPFGNGQR
ACIGQQFALHEATLVLGMMLKHFDFEDHTNYELDIKETLTLKPEGFVVKAKSKKIPLLEHHHHHH
;
B,A
2 'polypeptide(L)' (I7X)YY C,D
#
loop_
_chem_comp.id
_chem_comp.type
_chem_comp.name
_chem_comp.formula
HEM non-polymer 'PROTOPORPHYRIN IX CONTAINING FE' 'C34 H32 Fe N4 O4'
HOA non-polymer HYDROXYAMINE 'H3 N O'
I7X non-polymer '6-imidazol-1-ylhexanoic acid' 'C9 H14 N2 O2'
#
# COMPACT_ATOMS: atom_id res chain seq x y z
N LYS A 5 -14.79 26.97 16.30
CA LYS A 5 -13.87 28.04 15.91
C LYS A 5 -12.78 28.24 16.95
N GLU A 6 -13.19 28.66 18.15
CA GLU A 6 -12.23 28.86 19.23
C GLU A 6 -11.65 27.52 19.67
N MET A 7 -10.34 27.44 19.76
CA MET A 7 -9.73 26.15 20.06
C MET A 7 -9.46 26.07 21.54
N PRO A 8 -9.90 25.01 22.22
CA PRO A 8 -9.64 24.89 23.64
C PRO A 8 -8.15 24.86 23.92
N GLN A 9 -7.79 25.24 25.14
CA GLN A 9 -6.40 25.31 25.54
C GLN A 9 -6.34 24.96 27.01
N PRO A 10 -5.41 24.11 27.44
CA PRO A 10 -5.32 23.78 28.85
C PRO A 10 -4.78 24.95 29.66
N LYS A 11 -4.71 24.78 30.98
CA LYS A 11 -4.32 25.88 31.85
C LYS A 11 -2.93 26.40 31.48
N THR A 12 -2.75 27.71 31.66
CA THR A 12 -1.52 28.40 31.30
C THR A 12 -0.78 28.81 32.57
N PHE A 13 0.49 29.16 32.38
CA PHE A 13 1.40 29.54 33.46
C PHE A 13 2.05 30.87 33.15
N GLY A 14 1.24 31.85 32.82
CA GLY A 14 1.77 33.16 32.48
C GLY A 14 2.61 33.11 31.22
N GLU A 15 3.83 33.62 31.32
CA GLU A 15 4.71 33.72 30.16
C GLU A 15 5.07 32.34 29.61
N LEU A 16 5.07 31.32 30.47
CA LEU A 16 5.39 29.96 30.06
C LEU A 16 4.23 29.28 29.36
N LYS A 17 3.06 29.93 29.33
CA LYS A 17 1.86 29.41 28.67
C LYS A 17 1.57 27.99 29.13
N ASN A 18 1.47 27.04 28.21
CA ASN A 18 1.17 25.66 28.57
C ASN A 18 2.39 24.81 28.87
N LEU A 19 3.59 25.30 28.58
CA LEU A 19 4.79 24.47 28.68
C LEU A 19 4.99 23.76 30.02
N PRO A 20 4.75 24.39 31.19
CA PRO A 20 4.97 23.66 32.45
C PRO A 20 4.08 22.44 32.62
N LEU A 21 3.00 22.33 31.84
CA LEU A 21 2.20 21.11 31.85
C LEU A 21 3.01 19.90 31.42
N LEU A 22 4.04 20.11 30.60
CA LEU A 22 4.95 19.03 30.23
C LEU A 22 6.04 18.80 31.26
N ASN A 23 6.25 19.73 32.18
CA ASN A 23 7.16 19.49 33.29
C ASN A 23 6.53 18.48 34.23
N THR A 24 6.48 17.21 33.81
CA THR A 24 5.85 16.12 34.53
C THR A 24 6.46 14.83 33.99
N ASP A 25 6.48 13.80 34.83
CA ASP A 25 7.13 12.58 34.41
C ASP A 25 6.27 11.73 33.50
N LYS A 26 4.99 12.05 33.34
CA LYS A 26 4.09 11.32 32.45
C LYS A 26 3.38 12.32 31.54
N PRO A 27 4.11 12.95 30.62
CA PRO A 27 3.50 14.03 29.83
C PRO A 27 2.47 13.56 28.82
N VAL A 28 2.64 12.39 28.20
CA VAL A 28 1.61 11.88 27.29
C VAL A 28 0.31 11.66 28.05
N GLN A 29 0.40 10.98 29.20
CA GLN A 29 -0.77 10.77 30.03
C GLN A 29 -1.33 12.08 30.53
N ALA A 30 -0.49 13.06 30.81
CA ALA A 30 -0.99 14.40 31.11
C ALA A 30 -1.69 15.01 29.90
N LEU A 31 -1.11 14.81 28.72
CA LEU A 31 -1.75 15.31 27.51
C LEU A 31 -3.05 14.57 27.23
N MET A 32 -3.11 13.27 27.57
CA MET A 32 -4.35 12.53 27.39
C MET A 32 -5.43 13.04 28.31
N LYS A 33 -5.09 13.31 29.58
CA LYS A 33 -6.08 13.87 30.50
C LYS A 33 -6.53 15.25 30.04
N ILE A 34 -5.61 16.06 29.54
CA ILE A 34 -5.99 17.33 28.94
C ILE A 34 -6.94 17.09 27.78
N ALA A 35 -6.63 16.10 26.94
CA ALA A 35 -7.53 15.78 25.83
C ALA A 35 -8.87 15.28 26.33
N ASP A 36 -8.88 14.51 27.42
CA ASP A 36 -10.15 14.09 28.01
C ASP A 36 -10.98 15.29 28.44
N GLU A 37 -10.32 16.34 28.94
CA GLU A 37 -11.03 17.50 29.42
C GLU A 37 -11.43 18.44 28.28
N LEU A 38 -10.55 18.60 27.29
CA LEU A 38 -10.76 19.61 26.25
C LEU A 38 -11.29 19.04 24.95
N GLY A 39 -11.17 17.73 24.73
CA GLY A 39 -11.76 17.14 23.55
C GLY A 39 -10.77 16.86 22.45
N GLU A 40 -11.27 16.87 21.21
CA GLU A 40 -10.54 16.34 20.07
C GLU A 40 -9.35 17.18 19.65
N ILE A 41 -9.27 18.43 20.11
CA ILE A 41 -8.17 19.29 19.71
C ILE A 41 -7.99 20.35 20.78
N PHE A 42 -6.74 20.63 21.11
CA PHE A 42 -6.46 21.75 21.99
C PHE A 42 -5.15 22.38 21.58
N LYS A 43 -5.13 23.71 21.64
CA LYS A 43 -3.91 24.46 21.37
C LYS A 43 -2.95 24.29 22.54
N PHE A 44 -1.69 24.06 22.23
CA PHE A 44 -0.65 23.99 23.23
C PHE A 44 0.39 25.06 22.92
N GLU A 45 0.52 26.03 23.80
CA GLU A 45 1.39 27.16 23.59
C GLU A 45 2.61 27.09 24.50
N ALA A 46 3.74 27.52 23.98
CA ALA A 46 4.96 27.66 24.76
C ALA A 46 5.70 28.87 24.22
N PRO A 47 6.69 29.38 24.94
CA PRO A 47 7.54 30.44 24.37
C PRO A 47 8.13 30.05 23.03
N GLY A 48 7.75 30.77 21.98
CA GLY A 48 8.26 30.50 20.65
C GLY A 48 7.77 29.21 20.03
N ARG A 49 6.64 28.68 20.50
CA ARG A 49 6.13 27.42 19.99
C ARG A 49 4.62 27.36 20.18
N VAL A 50 3.91 27.01 19.12
CA VAL A 50 2.48 26.72 19.18
C VAL A 50 2.26 25.40 18.44
N THR A 51 1.56 24.48 19.09
CA THR A 51 1.17 23.24 18.43
C THR A 51 -0.25 22.90 18.85
N ARG A 52 -0.83 21.93 18.16
CA ARG A 52 -2.20 21.54 18.41
C ARG A 52 -2.27 20.03 18.54
N TYR A 53 -2.84 19.55 19.64
CA TYR A 53 -2.91 18.13 19.93
C TYR A 53 -4.25 17.60 19.45
N LEU A 54 -4.22 16.71 18.46
CA LEU A 54 -5.41 16.09 17.91
C LEU A 54 -5.65 14.75 18.58
N SER A 55 -6.91 14.48 18.93
CA SER A 55 -7.26 13.27 19.65
C SER A 55 -8.39 12.49 19.03
N SER A 56 -9.10 13.05 18.06
CA SER A 56 -10.20 12.36 17.40
C SER A 56 -9.77 11.86 16.05
N GLN A 57 -10.30 10.70 15.67
CA GLN A 57 -10.11 10.21 14.33
C GLN A 57 -10.66 11.21 13.32
N ARG A 58 -11.67 11.98 13.72
CA ARG A 58 -12.29 12.95 12.83
C ARG A 58 -11.28 13.97 12.33
N LEU A 59 -10.46 14.51 13.23
CA LEU A 59 -9.44 15.48 12.83
C LEU A 59 -8.16 14.81 12.36
N ILE A 60 -7.79 13.67 12.97
CA ILE A 60 -6.54 13.01 12.62
C ILE A 60 -6.61 12.40 11.22
N LYS A 61 -7.79 11.94 10.79
CA LYS A 61 -7.91 11.45 9.42
C LYS A 61 -7.61 12.55 8.41
N GLU A 62 -7.88 13.80 8.76
CA GLU A 62 -7.48 14.91 7.89
C GLU A 62 -6.01 15.22 8.04
N ALA A 63 -5.50 15.24 9.27
CA ALA A 63 -4.08 15.45 9.50
C ALA A 63 -3.26 14.42 8.74
N CYS A 64 -3.80 13.22 8.56
CA CYS A 64 -3.11 12.16 7.85
C CYS A 64 -3.18 12.30 6.34
N ASP A 65 -3.89 13.30 5.84
CA ASP A 65 -3.83 13.65 4.42
C ASP A 65 -2.43 14.18 4.12
N GLU A 66 -1.66 13.39 3.37
CA GLU A 66 -0.29 13.77 3.08
C GLU A 66 -0.18 14.90 2.07
N SER A 67 -1.22 15.16 1.29
CA SER A 67 -1.19 16.31 0.40
C SER A 67 -1.31 17.62 1.16
N ARG A 68 -1.84 17.58 2.38
CA ARG A 68 -2.04 18.75 3.20
C ARG A 68 -1.10 18.83 4.39
N PHE A 69 -0.68 17.71 4.93
CA PHE A 69 0.19 17.69 6.10
C PHE A 69 1.35 16.75 5.86
N ASP A 70 2.53 17.21 6.26
CA ASP A 70 3.76 16.44 6.18
C ASP A 70 4.23 16.18 7.60
N LYS A 71 5.08 15.17 7.75
CA LYS A 71 5.67 14.94 9.06
C LYS A 71 6.43 16.16 9.53
N ASN A 72 6.17 16.58 10.74
CA ASN A 72 6.98 17.59 11.40
C ASN A 72 7.90 16.90 12.37
N LEU A 73 9.09 17.50 12.57
CA LEU A 73 9.94 17.09 13.67
C LEU A 73 9.42 17.78 14.92
N SER A 74 8.80 17.01 15.81
CA SER A 74 8.50 17.51 17.13
C SER A 74 9.79 17.95 17.81
N GLN A 75 9.63 18.70 18.91
CA GLN A 75 10.82 19.11 19.65
C GLN A 75 11.60 17.90 20.14
N ALA A 76 10.90 16.81 20.47
CA ALA A 76 11.57 15.57 20.85
C ALA A 76 12.40 15.02 19.69
N LEU A 77 11.83 15.00 18.48
CA LEU A 77 12.55 14.48 17.33
C LEU A 77 13.71 15.39 16.96
N LYS A 78 13.55 16.71 17.13
CA LYS A 78 14.66 17.63 16.89
C LYS A 78 15.80 17.36 17.84
N PHE A 79 15.48 17.03 19.09
CA PHE A 79 16.52 16.68 20.06
C PHE A 79 17.09 15.30 19.77
N VAL A 80 16.24 14.35 19.35
CA VAL A 80 16.75 13.05 18.92
C VAL A 80 17.61 13.20 17.68
N ARG A 81 17.26 14.14 16.79
CA ARG A 81 18.06 14.40 15.60
C ARG A 81 19.51 14.74 15.95
N ASP A 82 19.75 15.30 17.15
CA ASP A 82 21.11 15.65 17.53
C ASP A 82 22.06 14.47 17.55
N PHE A 83 21.52 13.24 17.62
CA PHE A 83 22.33 12.04 17.44
C PHE A 83 21.77 11.07 16.43
N ALA A 84 20.46 11.12 16.13
CA ALA A 84 19.89 10.32 15.06
C ALA A 84 20.03 11.00 13.70
N GLY A 85 20.48 12.25 13.67
CA GLY A 85 20.79 13.02 12.48
C GLY A 85 19.63 13.03 11.51
N ASP A 86 19.98 13.01 10.21
CA ASP A 86 18.99 12.81 9.17
C ASP A 86 18.72 11.34 8.89
N GLY A 87 18.78 10.51 9.92
CA GLY A 87 18.21 9.18 9.84
C GLY A 87 16.74 9.26 9.47
N LEU A 88 16.16 8.10 9.16
CA LEU A 88 14.80 8.09 8.64
C LEU A 88 13.82 8.77 9.59
N ALA A 89 13.96 8.52 10.90
CA ALA A 89 12.97 8.98 11.86
C ALA A 89 13.07 10.47 12.17
N THR A 90 14.27 11.05 12.08
CA THR A 90 14.48 12.45 12.45
C THR A 90 14.82 13.33 11.26
N SER A 91 14.49 12.89 10.06
CA SER A 91 14.71 13.69 8.87
CA SER A 91 14.71 13.69 8.87
C SER A 91 13.37 14.23 8.36
N TRP A 92 13.41 15.42 7.80
CA TRP A 92 12.23 15.96 7.14
C TRP A 92 11.99 15.23 5.83
N THR A 93 10.73 15.18 5.42
CA THR A 93 10.39 14.49 4.17
C THR A 93 11.14 15.09 2.99
N HIS A 94 11.36 16.41 3.01
CA HIS A 94 12.01 17.09 1.92
C HIS A 94 13.53 16.98 1.97
N GLU A 95 14.08 16.40 3.03
CA GLU A 95 15.52 16.17 3.05
C GLU A 95 15.86 15.04 2.09
N LYS A 96 16.88 15.26 1.26
CA LYS A 96 17.24 14.29 0.24
C LYS A 96 17.54 12.94 0.87
N ASN A 97 18.12 12.93 2.07
CA ASN A 97 18.50 11.67 2.69
C ASN A 97 17.31 10.89 3.21
N TRP A 98 16.14 11.52 3.38
CA TRP A 98 14.99 10.73 3.81
C TRP A 98 14.53 9.79 2.71
N LYS A 99 14.13 10.35 1.56
CA LYS A 99 13.59 9.53 0.48
C LYS A 99 14.65 8.57 -0.04
N LYS A 100 15.89 9.03 -0.13
CA LYS A 100 17.01 8.17 -0.50
C LYS A 100 17.09 6.98 0.43
N ALA A 101 17.19 7.22 1.74
CA ALA A 101 17.24 6.12 2.69
C ALA A 101 15.92 5.39 2.77
N HIS A 102 14.81 6.11 2.60
CA HIS A 102 13.51 5.46 2.55
C HIS A 102 13.46 4.45 1.41
N ASN A 103 13.88 4.85 0.21
CA ASN A 103 13.85 3.94 -0.93
C ASN A 103 14.83 2.78 -0.75
N ILE A 104 16.01 3.06 -0.20
CA ILE A 104 17.02 2.01 -0.02
C ILE A 104 16.59 1.01 1.03
N LEU A 105 15.94 1.49 2.10
CA LEU A 105 15.65 0.64 3.25
C LEU A 105 14.29 -0.03 3.19
N LEU A 106 13.39 0.48 2.37
CA LEU A 106 12.04 -0.07 2.26
C LEU A 106 12.03 -1.56 1.89
N PRO A 107 12.79 -2.04 0.90
CA PRO A 107 12.78 -3.49 0.61
C PRO A 107 13.31 -4.33 1.76
N SER A 108 14.26 -3.81 2.54
CA SER A 108 14.78 -4.56 3.68
C SER A 108 13.87 -4.48 4.89
N PHE A 109 12.69 -3.90 4.75
CA PHE A 109 11.72 -3.86 5.83
C PHE A 109 10.36 -4.41 5.42
N SER A 110 10.25 -4.96 4.21
CA SER A 110 8.99 -5.46 3.71
C SER A 110 8.60 -6.72 4.48
N GLN A 111 7.33 -7.12 4.31
CA GLN A 111 6.92 -8.42 4.80
C GLN A 111 7.69 -9.55 4.12
N GLN A 112 8.10 -9.34 2.87
CA GLN A 112 8.95 -10.32 2.20
C GLN A 112 10.35 -10.38 2.82
N ALA A 113 10.80 -9.28 3.41
CA ALA A 113 12.12 -9.23 4.02
C ALA A 113 12.16 -9.89 5.40
N MET A 114 11.01 -9.99 6.08
CA MET A 114 10.97 -10.61 7.40
C MET A 114 11.36 -12.08 7.36
N LYS A 115 11.23 -12.74 6.20
CA LYS A 115 11.64 -14.12 6.07
C LYS A 115 13.13 -14.29 6.37
N GLY A 116 13.95 -13.33 5.92
CA GLY A 116 15.37 -13.39 6.15
C GLY A 116 15.78 -12.96 7.55
N TYR A 117 14.99 -12.09 8.19
CA TYR A 117 15.27 -11.73 9.56
C TYR A 117 14.79 -12.77 10.55
N HIS A 118 13.88 -13.65 10.12
CA HIS A 118 13.16 -14.50 11.05
C HIS A 118 14.10 -15.34 11.90
N ALA A 119 15.13 -15.93 11.27
CA ALA A 119 16.06 -16.78 12.00
C ALA A 119 16.76 -16.02 13.12
N MET A 120 17.22 -14.79 12.84
CA MET A 120 17.86 -14.00 13.88
C MET A 120 16.86 -13.59 14.96
N MET A 121 15.62 -13.26 14.57
CA MET A 121 14.58 -13.00 15.56
C MET A 121 14.35 -14.23 16.43
N VAL A 122 14.26 -15.41 15.82
CA VAL A 122 14.13 -16.65 16.59
C VAL A 122 15.32 -16.82 17.52
N ASP A 123 16.51 -16.49 17.04
CA ASP A 123 17.72 -16.58 17.86
C ASP A 123 17.53 -15.86 19.18
N ILE A 124 17.11 -14.60 19.13
CA ILE A 124 16.95 -13.83 20.36
C ILE A 124 15.72 -14.31 21.14
N ALA A 125 14.65 -14.66 20.43
CA ALA A 125 13.44 -15.13 21.12
C ALA A 125 13.71 -16.40 21.90
N VAL A 126 14.49 -17.32 21.33
CA VAL A 126 14.86 -18.52 22.06
C VAL A 126 15.70 -18.15 23.28
N GLN A 127 16.59 -17.17 23.14
CA GLN A 127 17.35 -16.72 24.30
C GLN A 127 16.43 -16.17 25.38
N LEU A 128 15.40 -15.44 24.99
CA LEU A 128 14.41 -14.99 25.96
C LEU A 128 13.72 -16.17 26.60
N VAL A 129 13.22 -17.10 25.79
CA VAL A 129 12.52 -18.27 26.33
C VAL A 129 13.44 -19.04 27.28
N GLN A 130 14.69 -19.26 26.84
CA GLN A 130 15.63 -20.02 27.67
C GLN A 130 15.89 -19.30 28.99
N LYS A 131 15.99 -17.97 28.96
CA LYS A 131 16.15 -17.24 30.22
C LYS A 131 15.00 -17.55 31.16
N TRP A 132 13.78 -17.52 30.66
CA TRP A 132 12.63 -17.77 31.53
C TRP A 132 12.52 -19.24 31.91
N GLU A 133 12.96 -20.12 31.03
CA GLU A 133 12.93 -21.56 31.33
C GLU A 133 13.94 -21.82 32.46
N ARG A 134 14.97 -21.01 32.55
CA ARG A 134 16.05 -21.22 33.50
C ARG A 134 15.86 -20.43 34.78
N LEU A 135 14.75 -19.71 34.92
CA LEU A 135 14.44 -19.07 36.17
C LEU A 135 14.10 -20.12 37.22
N ASN A 136 14.48 -19.85 38.46
CA ASN A 136 14.12 -20.73 39.54
C ASN A 136 12.69 -20.45 40.00
N ALA A 137 12.15 -21.36 40.80
CA ALA A 137 10.80 -21.20 41.33
C ALA A 137 10.71 -19.90 42.13
N ASP A 138 9.54 -19.27 42.04
CA ASP A 138 9.21 -18.01 42.72
C ASP A 138 10.05 -16.84 42.23
N GLU A 139 11.03 -17.06 41.36
CA GLU A 139 11.67 -15.96 40.67
C GLU A 139 10.72 -15.40 39.62
N HIS A 140 10.78 -14.09 39.44
CA HIS A 140 9.86 -13.41 38.55
C HIS A 140 10.61 -12.84 37.36
N ILE A 141 9.82 -12.38 36.39
CA ILE A 141 10.32 -11.75 35.16
C ILE A 141 10.08 -10.25 35.28
N GLU A 142 11.13 -9.47 35.07
CA GLU A 142 10.97 -8.02 34.90
C GLU A 142 10.68 -7.81 33.42
N VAL A 143 9.39 -7.64 33.09
CA VAL A 143 8.94 -7.79 31.71
C VAL A 143 9.52 -6.73 30.78
N PRO A 144 9.34 -5.42 31.01
CA PRO A 144 9.92 -4.45 30.07
C PRO A 144 11.43 -4.59 29.95
N GLU A 145 12.10 -4.96 31.05
CA GLU A 145 13.53 -5.16 31.02
C GLU A 145 13.91 -6.29 30.06
N ASP A 146 13.24 -7.44 30.19
CA ASP A 146 13.54 -8.56 29.30
C ASP A 146 13.08 -8.29 27.87
N MET A 147 11.94 -7.59 27.72
CA MET A 147 11.49 -7.25 26.39
C MET A 147 12.47 -6.30 25.71
N THR A 148 13.05 -5.37 26.47
CA THR A 148 14.05 -4.49 25.90
C THR A 148 15.32 -5.25 25.55
N ARG A 149 15.72 -6.20 26.42
CA ARG A 149 16.82 -7.10 26.06
C ARG A 149 16.55 -7.79 24.74
N LEU A 150 15.32 -8.28 24.57
CA LEU A 150 15.01 -9.05 23.36
C LEU A 150 14.99 -8.13 22.14
N THR A 151 14.24 -7.03 22.22
CA THR A 151 14.08 -6.18 21.04
C THR A 151 15.39 -5.50 20.67
N LEU A 152 16.15 -5.04 21.68
CA LEU A 152 17.46 -4.45 21.39
C LEU A 152 18.37 -5.46 20.70
N ASP A 153 18.40 -6.70 21.21
CA ASP A 153 19.24 -7.71 20.60
C ASP A 153 18.73 -8.09 19.21
N THR A 154 17.42 -8.11 19.04
CA THR A 154 16.86 -8.48 17.74
C THR A 154 17.22 -7.46 16.67
N ILE A 155 17.07 -6.17 16.98
CA ILE A 155 17.43 -5.16 15.99
C ILE A 155 18.94 -5.07 15.83
N GLY A 156 19.71 -5.30 16.89
CA GLY A 156 21.16 -5.34 16.74
C GLY A 156 21.58 -6.47 15.81
N LEU A 157 21.01 -7.65 16.02
CA LEU A 157 21.35 -8.81 15.20
C LEU A 157 20.79 -8.67 13.79
N CYS A 158 19.50 -8.43 13.67
CA CYS A 158 18.89 -8.34 12.32
C CYS A 158 19.40 -7.12 11.58
N GLY A 159 19.57 -6.04 12.29
CA GLY A 159 20.04 -4.82 11.65
C GLY A 159 21.49 -4.77 11.28
N PHE A 160 22.39 -5.17 12.16
CA PHE A 160 23.80 -4.93 11.86
C PHE A 160 24.63 -6.16 12.16
N ASN A 161 24.00 -7.30 12.40
CA ASN A 161 24.69 -8.56 12.75
C ASN A 161 25.53 -8.37 14.00
N TYR A 162 25.09 -7.58 14.95
CA TYR A 162 25.85 -7.27 16.16
C TYR A 162 25.01 -7.82 17.29
N ARG A 163 25.68 -8.56 18.13
CA ARG A 163 25.04 -9.18 19.28
C ARG A 163 25.32 -8.31 20.49
N PHE A 164 24.31 -7.56 20.94
CA PHE A 164 24.43 -6.85 22.20
C PHE A 164 24.48 -7.81 23.37
N ASN A 165 23.99 -9.04 23.19
CA ASN A 165 24.02 -10.06 24.22
C ASN A 165 23.40 -9.54 25.52
N SER A 166 22.26 -8.87 25.38
CA SER A 166 21.62 -8.25 26.53
C SER A 166 21.19 -9.30 27.55
N PHE A 167 20.92 -10.52 27.10
CA PHE A 167 20.57 -11.58 28.03
C PHE A 167 21.79 -12.13 28.77
N TYR A 168 22.98 -11.64 28.46
CA TYR A 168 24.19 -11.94 29.20
C TYR A 168 24.58 -10.80 30.13
N ARG A 169 23.70 -9.83 30.32
CA ARG A 169 24.04 -8.60 31.00
C ARG A 169 22.98 -8.24 32.04
N ASP A 170 23.45 -7.58 33.11
CA ASP A 170 22.61 -6.80 34.00
C ASP A 170 22.60 -5.33 33.59
N GLN A 171 23.78 -4.72 33.55
CA GLN A 171 23.92 -3.38 33.00
C GLN A 171 23.99 -3.44 31.48
N PRO A 172 23.18 -2.65 30.77
CA PRO A 172 23.13 -2.77 29.31
C PRO A 172 24.47 -2.43 28.66
N HIS A 173 24.60 -2.84 27.40
CA HIS A 173 25.80 -2.55 26.62
C HIS A 173 26.10 -1.05 26.66
N PRO A 174 27.37 -0.66 26.74
CA PRO A 174 27.69 0.78 26.86
C PRO A 174 27.02 1.66 25.82
N PHE A 175 26.82 1.16 24.60
CA PHE A 175 26.08 1.94 23.60
C PHE A 175 24.65 2.19 24.06
N ILE A 176 24.01 1.17 24.62
CA ILE A 176 22.61 1.33 25.04
C ILE A 176 22.51 2.26 26.22
N THR A 177 23.43 2.13 27.19
CA THR A 177 23.45 3.03 28.33
C THR A 177 23.58 4.48 27.88
N SER A 178 24.48 4.74 26.92
CA SER A 178 24.63 6.09 26.39
C SER A 178 23.38 6.51 25.63
N MET A 179 22.81 5.60 24.84
CA MET A 179 21.61 5.93 24.07
C MET A 179 20.45 6.29 24.97
N VAL A 180 20.19 5.47 26.00
CA VAL A 180 19.10 5.76 26.92
C VAL A 180 19.34 7.09 27.62
N ARG A 181 20.59 7.36 27.91
CA ARG A 181 20.95 8.63 28.59
C ARG A 181 20.75 9.76 27.60
N ALA A 182 21.13 9.51 26.37
CA ALA A 182 20.95 10.53 25.35
C ALA A 182 19.47 10.81 25.09
N LEU A 183 18.66 9.75 24.98
CA LEU A 183 17.21 9.95 24.83
C LEU A 183 16.64 10.63 26.06
N ASP A 184 17.13 10.29 27.25
CA ASP A 184 16.68 10.95 28.46
C ASP A 184 16.98 12.45 28.42
N GLU A 185 18.23 12.80 28.11
CA GLU A 185 18.60 14.21 28.00
C GLU A 185 17.80 14.89 26.89
N ALA A 186 17.53 14.18 25.79
CA ALA A 186 16.68 14.73 24.75
C ALA A 186 15.29 15.03 25.28
N MET A 187 14.72 14.11 26.05
CA MET A 187 13.39 14.35 26.62
C MET A 187 13.44 15.43 27.70
N ASN A 188 14.51 15.45 28.50
CA ASN A 188 14.60 16.43 29.58
C ASN A 188 14.70 17.85 29.04
N LYS A 189 15.24 18.03 27.83
CA LYS A 189 15.29 19.37 27.25
C LYS A 189 13.90 19.90 26.96
N LEU A 190 12.93 19.01 26.76
CA LEU A 190 11.55 19.45 26.56
C LEU A 190 11.03 20.19 27.79
N GLN A 191 11.17 19.57 28.97
CA GLN A 191 10.64 20.15 30.20
C GLN A 191 11.36 21.45 30.59
N ARG A 192 12.64 21.59 30.23
CA ARG A 192 13.41 22.82 30.50
C ARG A 192 12.72 24.08 29.96
N ASP A 201 24.88 22.56 31.70
CA ASP A 201 26.23 22.47 31.06
C ASP A 201 26.80 21.07 31.28
N GLU A 202 26.64 20.50 32.45
CA GLU A 202 27.09 19.10 32.69
C GLU A 202 26.27 18.18 31.79
N ASN A 203 24.99 18.45 31.67
CA ASN A 203 24.09 17.68 30.79
C ASN A 203 24.67 17.64 29.38
N LYS A 204 25.03 18.82 28.88
CA LYS A 204 25.56 18.95 27.52
C LYS A 204 26.81 18.11 27.37
N ARG A 205 27.72 18.16 28.34
CA ARG A 205 28.97 17.39 28.21
C ARG A 205 28.56 15.92 28.25
N GLN A 206 27.56 15.65 29.04
CA GLN A 206 27.16 14.24 29.16
C GLN A 206 26.46 13.87 27.86
N PHE A 207 25.70 14.80 27.34
CA PHE A 207 24.95 14.53 26.09
C PHE A 207 25.93 14.33 24.95
N GLN A 208 27.02 15.09 24.90
CA GLN A 208 28.05 14.90 23.88
C GLN A 208 28.85 13.63 24.11
N GLU A 209 29.03 13.23 25.38
CA GLU A 209 29.75 11.98 25.66
C GLU A 209 28.93 10.78 25.20
N ASP A 210 27.61 10.83 25.37
CA ASP A 210 26.76 9.74 24.91
C ASP A 210 26.71 9.66 23.39
N ILE A 211 26.78 10.81 22.71
CA ILE A 211 26.80 10.81 21.25
C ILE A 211 28.08 10.16 20.72
N LYS A 212 29.23 10.55 21.28
CA LYS A 212 30.49 10.00 20.82
C LYS A 212 30.55 8.50 21.05
N VAL A 213 30.06 8.04 22.21
CA VAL A 213 30.03 6.60 22.49
C VAL A 213 29.17 5.88 21.46
N MET A 214 28.03 6.48 21.09
CA MET A 214 27.17 5.88 20.08
C MET A 214 27.83 5.90 18.70
N ASN A 215 28.38 7.04 18.29
CA ASN A 215 28.98 7.16 16.96
C ASN A 215 30.14 6.20 16.79
N ASP A 216 31.00 6.08 17.81
CA ASP A 216 32.23 5.31 17.66
C ASP A 216 31.96 3.83 17.37
N LEU A 217 31.07 3.21 18.14
CA LEU A 217 30.74 1.81 17.89
C LEU A 217 30.15 1.62 16.51
N VAL A 218 29.12 2.41 16.18
CA VAL A 218 28.43 2.24 14.91
C VAL A 218 29.39 2.49 13.75
N ASP A 219 30.12 3.60 13.80
CA ASP A 219 31.09 3.89 12.74
C ASP A 219 32.18 2.83 12.69
N LYS A 220 32.48 2.20 13.83
CA LYS A 220 33.43 1.09 13.84
C LYS A 220 32.84 -0.12 13.15
N ILE A 221 31.65 -0.46 13.61
CA ILE A 221 30.88 -1.60 13.05
C ILE A 221 30.72 -1.35 11.57
N ILE A 222 30.36 -0.11 11.21
CA ILE A 222 30.21 0.19 9.76
C ILE A 222 31.58 0.00 9.09
N ALA A 223 32.68 0.46 9.71
CA ALA A 223 34.06 0.27 9.20
C ALA A 223 34.51 -1.21 9.20
N ASP A 224 34.17 -1.97 10.23
CA ASP A 224 34.54 -3.39 10.40
C ASP A 224 33.82 -4.20 9.34
N ARG A 225 32.55 -3.88 9.16
CA ARG A 225 31.80 -4.63 8.16
C ARG A 225 32.41 -4.46 6.77
N GLU A 230 32.60 -8.38 4.67
CA GLU A 230 31.68 -9.50 4.87
C GLU A 230 30.27 -9.14 4.40
N GLN A 231 29.54 -10.13 3.93
CA GLN A 231 28.14 -9.90 3.52
C GLN A 231 27.26 -10.69 4.48
N SER A 232 26.27 -10.02 5.04
CA SER A 232 25.33 -10.61 5.98
C SER A 232 23.90 -10.38 5.52
N ASP A 233 22.96 -11.01 6.21
CA ASP A 233 21.54 -10.87 5.92
C ASP A 233 20.91 -9.80 6.81
N ASP A 234 21.53 -8.62 6.84
CA ASP A 234 21.13 -7.57 7.78
C ASP A 234 20.92 -6.25 7.05
N LEU A 235 20.35 -5.29 7.78
CA LEU A 235 20.11 -3.96 7.23
C LEU A 235 21.41 -3.26 6.87
N LEU A 236 22.49 -3.53 7.61
CA LEU A 236 23.76 -2.88 7.31
C LEU A 236 24.25 -3.25 5.92
N THR A 237 24.06 -4.50 5.56
CA THR A 237 24.47 -4.96 4.21
C THR A 237 23.66 -4.17 3.19
N HIS A 238 22.35 -4.20 3.35
CA HIS A 238 21.46 -3.52 2.41
C HIS A 238 21.80 -2.03 2.30
N MET A 239 22.23 -1.42 3.39
CA MET A 239 22.59 0.00 3.34
C MET A 239 23.95 0.24 2.71
N LEU A 240 24.86 -0.74 2.80
CA LEU A 240 26.17 -0.57 2.19
C LEU A 240 26.14 -0.84 0.69
N ASN A 241 25.31 -1.79 0.25
CA ASN A 241 25.23 -2.16 -1.15
C ASN A 241 23.99 -1.61 -1.83
N GLY A 242 23.07 -1.00 -1.07
CA GLY A 242 21.83 -0.53 -1.64
C GLY A 242 22.01 0.81 -2.34
N LYS A 243 21.38 0.91 -3.50
CA LYS A 243 21.37 2.13 -4.29
C LYS A 243 19.94 2.66 -4.30
N ASP A 244 19.79 3.96 -4.06
CA ASP A 244 18.50 4.59 -4.23
C ASP A 244 18.09 4.46 -5.68
N PRO A 245 16.97 3.81 -6.00
CA PRO A 245 16.57 3.74 -7.42
C PRO A 245 16.41 5.10 -8.07
N GLU A 246 15.89 6.03 -7.30
CA GLU A 246 15.66 7.39 -7.77
C GLU A 246 16.94 8.09 -8.23
N THR A 247 17.79 8.48 -7.29
CA THR A 247 19.03 9.19 -7.56
C THR A 247 20.16 8.27 -8.01
N GLY A 248 19.94 6.95 -7.98
CA GLY A 248 21.01 6.01 -8.25
C GLY A 248 22.10 5.97 -7.20
N GLU A 249 22.01 6.78 -6.15
CA GLU A 249 23.05 7.01 -5.15
C GLU A 249 22.84 6.11 -3.94
N PRO A 250 23.93 5.56 -3.39
CA PRO A 250 23.86 4.88 -2.09
C PRO A 250 23.99 5.84 -0.92
N LEU A 251 23.49 5.39 0.23
CA LEU A 251 23.66 6.17 1.45
C LEU A 251 25.14 6.37 1.74
N ASP A 252 25.52 7.60 2.06
CA ASP A 252 26.88 7.81 2.52
C ASP A 252 27.03 7.27 3.94
N ASP A 253 28.28 7.01 4.33
CA ASP A 253 28.54 6.35 5.61
C ASP A 253 27.96 7.14 6.77
N GLU A 254 27.99 8.48 6.69
CA GLU A 254 27.45 9.29 7.77
C GLU A 254 25.97 9.00 7.98
N ASN A 255 25.19 8.96 6.90
CA ASN A 255 23.77 8.66 7.04
C ASN A 255 23.56 7.22 7.48
N ILE A 256 24.36 6.28 6.99
CA ILE A 256 24.26 4.89 7.46
C ILE A 256 24.40 4.83 8.96
N ARG A 257 25.37 5.57 9.51
CA ARG A 257 25.53 5.64 10.97
C ARG A 257 24.28 6.20 11.62
N TYR A 258 23.69 7.24 11.03
CA TYR A 258 22.44 7.78 11.56
C TYR A 258 21.31 6.77 11.47
N GLN A 259 21.27 5.98 10.39
CA GLN A 259 20.22 4.99 10.23
C GLN A 259 20.34 3.87 11.26
N ILE A 260 21.57 3.40 11.50
CA ILE A 260 21.77 2.35 12.49
C ILE A 260 21.38 2.85 13.87
N ILE A 261 21.88 4.03 14.25
CA ILE A 261 21.46 4.65 15.49
C ILE A 261 19.94 4.80 15.52
N THR A 262 19.36 5.30 14.42
CA THR A 262 17.90 5.40 14.34
C THR A 262 17.25 4.04 14.59
N PHE A 263 17.69 3.02 13.87
CA PHE A 263 17.13 1.69 14.06
C PHE A 263 17.41 1.19 15.46
N LEU A 264 18.58 1.51 16.01
CA LEU A 264 18.86 1.12 17.39
C LEU A 264 17.93 1.85 18.35
N ILE A 265 17.62 3.10 18.09
CA ILE A 265 16.59 3.71 18.96
C ILE A 265 15.24 3.18 18.50
N ALA A 266 14.88 3.49 17.26
CA ALA A 266 13.53 3.19 16.79
C ALA A 266 13.22 1.70 16.84
N GLY A 267 14.21 0.84 16.64
CA GLY A 267 13.91 -0.55 16.44
C GLY A 267 13.70 -1.39 17.69
N HIS A 268 13.84 -0.83 18.87
CA HIS A 268 13.63 -1.74 20.00
C HIS A 268 12.73 -1.18 21.09
N GLU A 269 12.81 0.13 21.39
CA GLU A 269 12.16 0.62 22.60
C GLU A 269 10.65 0.66 22.44
N THR A 270 10.18 1.06 21.25
CA THR A 270 8.76 0.97 20.97
C THR A 270 8.31 -0.49 20.93
N THR A 271 9.14 -1.38 20.38
CA THR A 271 8.74 -2.78 20.26
C THR A 271 8.74 -3.45 21.63
N SER A 272 9.72 -3.13 22.48
CA SER A 272 9.73 -3.69 23.82
C SER A 272 8.53 -3.20 24.63
N GLY A 273 8.18 -1.92 24.48
CA GLY A 273 6.98 -1.43 25.12
C GLY A 273 5.75 -2.20 24.65
N LEU A 274 5.66 -2.44 23.34
CA LEU A 274 4.53 -3.19 22.81
C LEU A 274 4.44 -4.58 23.43
N LEU A 275 5.55 -5.31 23.41
CA LEU A 275 5.56 -6.63 24.05
C LEU A 275 5.19 -6.54 25.52
N SER A 276 5.73 -5.55 26.22
CA SER A 276 5.44 -5.43 27.65
C SER A 276 3.98 -5.07 27.90
N PHE A 277 3.44 -4.13 27.11
CA PHE A 277 2.02 -3.82 27.24
C PHE A 277 1.16 -4.99 26.80
N ALA A 278 1.57 -5.70 25.75
CA ALA A 278 0.80 -6.85 25.31
C ALA A 278 0.70 -7.88 26.43
N LEU A 279 1.84 -8.24 27.02
CA LEU A 279 1.83 -9.21 28.11
C LEU A 279 1.09 -8.66 29.32
N TYR A 280 1.26 -7.38 29.63
CA TYR A 280 0.47 -6.77 30.69
C TYR A 280 -1.02 -6.98 30.45
N PHE A 281 -1.48 -6.69 29.23
CA PHE A 281 -2.90 -6.82 28.97
C PHE A 281 -3.34 -8.27 28.94
N LEU A 282 -2.44 -9.18 28.54
CA LEU A 282 -2.79 -10.60 28.56
C LEU A 282 -2.98 -11.11 29.98
N VAL A 283 -2.07 -10.78 30.89
CA VAL A 283 -2.21 -11.25 32.26
C VAL A 283 -3.33 -10.52 32.99
N LYS A 284 -3.75 -9.35 32.49
CA LYS A 284 -4.91 -8.66 33.05
C LYS A 284 -6.22 -9.11 32.43
N ASN A 285 -6.18 -9.87 31.34
CA ASN A 285 -7.37 -10.38 30.67
C ASN A 285 -7.15 -11.86 30.41
N PRO A 286 -7.32 -12.70 31.44
CA PRO A 286 -6.99 -14.13 31.30
C PRO A 286 -7.68 -14.83 30.15
N HIS A 287 -8.91 -14.42 29.80
CA HIS A 287 -9.57 -15.03 28.65
C HIS A 287 -8.82 -14.71 27.36
N VAL A 288 -8.39 -13.45 27.22
CA VAL A 288 -7.58 -13.06 26.07
C VAL A 288 -6.25 -13.81 26.08
N LEU A 289 -5.66 -13.95 27.26
CA LEU A 289 -4.42 -14.71 27.36
C LEU A 289 -4.65 -16.17 26.96
N GLN A 290 -5.72 -16.78 27.48
CA GLN A 290 -6.04 -18.14 27.11
C GLN A 290 -6.23 -18.27 25.61
N LYS A 291 -7.03 -17.38 25.02
CA LYS A 291 -7.26 -17.43 23.58
C LYS A 291 -5.96 -17.32 22.80
N ALA A 292 -5.10 -16.39 23.20
CA ALA A 292 -3.83 -16.24 22.50
C ALA A 292 -2.90 -17.41 22.76
N ALA A 293 -2.91 -17.94 23.99
CA ALA A 293 -2.10 -19.12 24.28
C ALA A 293 -2.58 -20.32 23.46
N GLU A 294 -3.90 -20.51 23.37
CA GLU A 294 -4.43 -21.61 22.58
C GLU A 294 -4.01 -21.49 21.12
N GLU A 295 -4.01 -20.28 20.58
CA GLU A 295 -3.55 -20.08 19.21
C GLU A 295 -2.05 -20.37 19.09
N ALA A 296 -1.26 -19.89 20.05
CA ALA A 296 0.17 -20.17 20.04
C ALA A 296 0.43 -21.68 20.06
N ALA A 297 -0.28 -22.41 20.94
CA ALA A 297 -0.12 -23.85 21.01
C ALA A 297 -0.60 -24.52 19.72
N ARG A 298 -1.70 -24.03 19.15
CA ARG A 298 -2.24 -24.62 17.93
C ARG A 298 -1.32 -24.37 16.73
N VAL A 299 -0.80 -23.15 16.61
CA VAL A 299 -0.04 -22.77 15.44
C VAL A 299 1.43 -23.17 15.54
N LEU A 300 2.05 -22.91 16.70
CA LEU A 300 3.48 -23.17 16.85
C LEU A 300 3.71 -24.63 17.22
N VAL A 301 3.62 -25.48 16.21
CA VAL A 301 3.70 -26.96 16.42
C VAL A 301 5.15 -27.42 16.39
N ASP A 302 6.06 -26.58 15.98
CA ASP A 302 7.47 -26.93 15.89
C ASP A 302 8.24 -26.36 17.07
N PRO A 303 9.39 -26.95 17.42
CA PRO A 303 10.19 -26.39 18.52
C PRO A 303 10.65 -24.97 18.22
N VAL A 304 10.85 -24.64 16.96
CA VAL A 304 11.26 -23.31 16.51
C VAL A 304 10.16 -22.78 15.59
N PRO A 305 9.52 -21.67 15.93
CA PRO A 305 8.46 -21.15 15.05
C PRO A 305 9.03 -20.73 13.70
N SER A 306 8.29 -21.03 12.65
CA SER A 306 8.67 -20.60 11.32
C SER A 306 8.09 -19.23 11.03
N TYR A 307 8.61 -18.59 9.97
CA TYR A 307 8.03 -17.33 9.52
C TYR A 307 6.55 -17.49 9.22
N LYS A 308 6.20 -18.55 8.48
CA LYS A 308 4.81 -18.78 8.12
C LYS A 308 3.95 -18.97 9.37
N GLN A 309 4.48 -19.67 10.38
CA GLN A 309 3.72 -19.89 11.60
C GLN A 309 3.45 -18.58 12.33
N VAL A 310 4.42 -17.66 12.34
CA VAL A 310 4.20 -16.36 12.96
C VAL A 310 3.08 -15.62 12.24
N LYS A 311 3.00 -15.79 10.92
CA LYS A 311 1.90 -15.19 10.17
C LYS A 311 0.55 -15.81 10.55
N GLN A 312 0.54 -17.08 10.96
CA GLN A 312 -0.70 -17.74 11.37
C GLN A 312 -1.13 -17.34 12.77
N LEU A 313 -0.28 -16.63 13.53
CA LEU A 313 -0.64 -16.17 14.86
C LEU A 313 -1.50 -14.91 14.73
N LYS A 314 -2.71 -15.14 14.19
CA LYS A 314 -3.61 -14.02 13.93
C LYS A 314 -4.03 -13.34 15.22
N TYR A 315 -4.47 -14.13 16.21
CA TYR A 315 -4.96 -13.53 17.45
C TYR A 315 -3.83 -12.86 18.22
N VAL A 316 -2.64 -13.45 18.19
CA VAL A 316 -1.47 -12.78 18.78
C VAL A 316 -1.24 -11.43 18.11
N GLY A 317 -1.29 -11.41 16.78
CA GLY A 317 -1.21 -10.15 16.08
C GLY A 317 -2.31 -9.19 16.48
N MET A 318 -3.53 -9.73 16.67
CA MET A 318 -4.62 -8.92 17.18
C MET A 318 -4.36 -8.45 18.60
N VAL A 319 -3.74 -9.30 19.42
CA VAL A 319 -3.36 -8.90 20.77
C VAL A 319 -2.41 -7.72 20.70
N LEU A 320 -1.39 -7.81 19.85
CA LEU A 320 -0.41 -6.74 19.71
C LEU A 320 -1.08 -5.45 19.23
N ASN A 321 -2.00 -5.57 18.28
CA ASN A 321 -2.69 -4.40 17.76
C ASN A 321 -3.53 -3.73 18.85
N GLU A 322 -4.20 -4.53 19.68
CA GLU A 322 -4.99 -3.95 20.76
C GLU A 322 -4.10 -3.35 21.84
N ALA A 323 -2.94 -3.94 22.10
CA ALA A 323 -1.98 -3.29 22.99
C ALA A 323 -1.47 -2.00 22.39
N LEU A 324 -1.22 -2.00 21.09
CA LEU A 324 -0.84 -0.77 20.40
C LEU A 324 -1.97 0.24 20.38
N ARG A 325 -3.22 -0.24 20.37
CA ARG A 325 -4.35 0.67 20.47
C ARG A 325 -4.33 1.36 21.84
N LEU A 326 -4.36 0.57 22.90
CA LEU A 326 -4.44 1.16 24.23
C LEU A 326 -3.19 1.97 24.58
N TRP A 327 -2.02 1.44 24.32
CA TRP A 327 -0.77 2.13 24.67
C TRP A 327 0.19 2.06 23.49
N PRO A 328 -0.03 2.87 22.46
CA PRO A 328 0.95 3.00 21.39
C PRO A 328 2.25 3.54 21.96
N THR A 329 3.30 2.74 21.84
CA THR A 329 4.54 3.04 22.53
C THR A 329 5.30 4.18 21.87
N ALA A 330 5.04 4.46 20.61
CA ALA A 330 5.43 5.75 20.08
C ALA A 330 4.19 6.63 20.14
N PRO A 331 3.96 7.35 21.23
CA PRO A 331 2.62 7.86 21.54
C PRO A 331 2.21 9.10 20.76
N ALA A 332 3.08 9.64 19.92
CA ALA A 332 2.68 10.82 19.17
C ALA A 332 3.57 10.95 17.94
N PHE A 333 3.05 11.67 16.96
CA PHE A 333 3.86 12.15 15.85
C PHE A 333 3.38 13.54 15.50
N SER A 334 4.27 14.32 14.91
CA SER A 334 4.02 15.72 14.65
C SER A 334 3.80 15.90 13.16
N LEU A 335 2.90 16.81 12.82
CA LEU A 335 2.62 17.17 11.45
C LEU A 335 2.64 18.69 11.33
N TYR A 336 2.93 19.18 10.13
CA TYR A 336 2.78 20.58 9.83
C TYR A 336 1.96 20.72 8.57
N ALA A 337 1.15 21.77 8.50
CA ALA A 337 0.36 22.03 7.30
C ALA A 337 1.28 22.52 6.19
N LYS A 338 1.28 21.82 5.04
CA LYS A 338 2.08 22.26 3.91
C LYS A 338 1.53 23.54 3.31
N GLU A 339 0.23 23.73 3.35
CA GLU A 339 -0.42 24.95 2.87
C GLU A 339 -1.48 25.37 3.87
N ASP A 340 -1.99 26.59 3.69
CA ASP A 340 -3.13 27.03 4.47
C ASP A 340 -4.27 26.03 4.29
N THR A 341 -4.80 25.54 5.40
CA THR A 341 -5.84 24.52 5.30
C THR A 341 -6.73 24.63 6.52
N VAL A 342 -7.90 24.00 6.41
CA VAL A 342 -8.91 24.02 7.46
C VAL A 342 -9.06 22.62 8.01
N LEU A 343 -8.91 22.49 9.33
CA LEU A 343 -9.01 21.21 10.00
C LEU A 343 -10.44 21.02 10.50
N GLY A 344 -11.12 20.00 9.99
CA GLY A 344 -12.45 19.70 10.45
C GLY A 344 -13.49 20.76 10.15
N GLY A 345 -13.22 21.63 9.17
CA GLY A 345 -14.20 22.63 8.81
C GLY A 345 -14.39 23.75 9.80
N GLU A 346 -13.51 23.84 10.80
CA GLU A 346 -13.70 24.85 11.86
C GLU A 346 -12.40 25.33 12.52
N TYR A 347 -11.26 24.79 12.12
CA TYR A 347 -9.98 25.21 12.69
C TYR A 347 -9.05 25.60 11.54
N PRO A 348 -9.02 26.87 11.17
CA PRO A 348 -8.13 27.29 10.08
C PRO A 348 -6.69 27.19 10.53
N LEU A 349 -5.87 26.58 9.70
CA LEU A 349 -4.45 26.43 9.96
C LEU A 349 -3.66 27.13 8.86
N GLU A 350 -2.66 27.91 9.25
CA GLU A 350 -1.79 28.55 8.29
C GLU A 350 -0.68 27.61 7.88
N LYS A 351 -0.01 27.96 6.79
CA LYS A 351 1.12 27.17 6.31
C LYS A 351 2.18 27.03 7.39
N GLY A 352 2.59 25.81 7.67
CA GLY A 352 3.57 25.56 8.70
C GLY A 352 3.03 25.39 10.10
N ASP A 353 1.73 25.56 10.29
CA ASP A 353 1.11 25.29 11.58
C ASP A 353 1.33 23.83 11.96
N GLU A 354 1.62 23.60 13.23
CA GLU A 354 2.03 22.29 13.72
C GLU A 354 0.86 21.54 14.31
N LEU A 355 0.83 20.23 14.10
CA LEU A 355 -0.15 19.34 14.69
C LEU A 355 0.58 18.24 15.44
N MET A 356 0.07 17.88 16.60
CA MET A 356 0.49 16.70 17.31
C MET A 356 -0.66 15.72 17.30
N VAL A 357 -0.39 14.49 16.90
CA VAL A 357 -1.36 13.42 16.92
C VAL A 357 -1.16 12.66 18.21
N LEU A 358 -2.06 12.89 19.18
CA LEU A 358 -2.01 12.18 20.45
C LEU A 358 -2.59 10.80 20.21
N ILE A 359 -1.70 9.86 19.86
CA ILE A 359 -2.14 8.56 19.39
C ILE A 359 -2.95 7.79 20.43
N PRO A 360 -2.54 7.72 21.71
CA PRO A 360 -3.37 6.97 22.68
C PRO A 360 -4.75 7.56 22.82
N GLN A 361 -4.89 8.88 22.68
CA GLN A 361 -6.23 9.48 22.72
C GLN A 361 -7.02 9.12 21.48
N LEU A 362 -6.38 9.22 20.31
CA LEU A 362 -7.00 8.77 19.07
C LEU A 362 -7.57 7.37 19.21
N HIS A 363 -6.77 6.46 19.77
CA HIS A 363 -7.17 5.07 19.94
C HIS A 363 -8.20 4.86 21.03
N ARG A 364 -8.62 5.93 21.70
CA ARG A 364 -9.72 5.88 22.64
C ARG A 364 -10.93 6.67 22.16
N ASP A 365 -10.94 7.06 20.88
CA ASP A 365 -12.08 7.76 20.30
C ASP A 365 -13.31 6.87 20.38
N LYS A 366 -14.22 7.20 21.29
CA LYS A 366 -15.42 6.38 21.50
C LYS A 366 -16.26 6.28 20.23
N THR A 367 -16.24 7.32 19.39
CA THR A 367 -17.01 7.28 18.14
C THR A 367 -16.46 6.25 17.18
N ILE A 368 -15.26 5.74 17.42
CA ILE A 368 -14.65 4.73 16.56
C ILE A 368 -14.72 3.35 17.16
N TRP A 369 -14.41 3.23 18.45
CA TRP A 369 -14.27 1.94 19.10
C TRP A 369 -15.45 1.58 20.01
N GLY A 370 -16.41 2.49 20.19
CA GLY A 370 -17.48 2.25 21.14
C GLY A 370 -17.12 2.77 22.51
N ASP A 371 -18.03 2.53 23.46
CA ASP A 371 -17.80 3.00 24.83
C ASP A 371 -16.71 2.20 25.52
N ASP A 372 -16.48 0.95 25.10
CA ASP A 372 -15.49 0.09 25.74
C ASP A 372 -14.07 0.36 25.24
N VAL A 373 -13.72 1.63 25.00
CA VAL A 373 -12.42 1.97 24.46
C VAL A 373 -11.30 1.50 25.38
N GLU A 374 -11.56 1.46 26.68
CA GLU A 374 -10.55 1.09 27.66
C GLU A 374 -10.39 -0.41 27.82
N GLU A 375 -11.27 -1.16 27.20
CA GLU A 375 -11.16 -2.60 27.42
C GLU A 375 -10.12 -3.17 26.48
N PHE A 376 -9.42 -4.20 26.91
CA PHE A 376 -8.48 -4.87 26.01
C PHE A 376 -9.29 -5.94 25.29
N ARG A 377 -9.66 -5.63 24.07
CA ARG A 377 -10.42 -6.55 23.23
C ARG A 377 -9.66 -6.68 21.94
N PRO A 378 -8.83 -7.72 21.75
CA PRO A 378 -8.10 -7.92 20.52
C PRO A 378 -8.99 -8.17 19.29
N GLU A 379 -10.22 -8.60 19.51
CA GLU A 379 -11.26 -8.86 18.51
C GLU A 379 -11.52 -7.57 17.70
N ARG A 380 -11.40 -6.39 18.25
CA ARG A 380 -11.51 -5.16 17.44
C ARG A 380 -10.68 -5.21 16.16
N PHE A 381 -9.68 -6.06 16.04
CA PHE A 381 -8.81 -6.03 14.87
C PHE A 381 -8.95 -7.27 14.00
N GLU A 382 -10.00 -8.07 14.18
CA GLU A 382 -10.17 -9.24 13.33
C GLU A 382 -10.27 -8.83 11.85
N ASN A 383 -10.97 -7.75 11.57
CA ASN A 383 -11.09 -7.21 10.22
C ASN A 383 -10.52 -5.79 10.14
N PRO A 384 -9.37 -5.58 9.51
CA PRO A 384 -8.86 -4.21 9.36
C PRO A 384 -9.76 -3.31 8.51
N SER A 385 -10.66 -3.88 7.69
CA SER A 385 -11.55 -3.04 6.92
C SER A 385 -12.64 -2.43 7.79
N ALA A 386 -13.02 -3.09 8.88
CA ALA A 386 -14.06 -2.57 9.75
C ALA A 386 -13.57 -1.42 10.62
N ILE A 387 -12.28 -1.10 10.53
CA ILE A 387 -11.68 -0.01 11.30
C ILE A 387 -11.67 1.22 10.40
N PRO A 388 -12.27 2.34 10.82
CA PRO A 388 -12.27 3.51 9.96
C PRO A 388 -10.86 3.97 9.64
N GLN A 389 -10.77 4.78 8.61
CA GLN A 389 -9.48 5.22 8.10
C GLN A 389 -8.80 6.13 9.13
N HIS A 390 -7.52 5.84 9.40
CA HIS A 390 -6.68 6.62 10.31
C HIS A 390 -7.19 6.61 11.74
N ALA A 391 -7.99 5.61 12.10
CA ALA A 391 -8.41 5.43 13.47
C ALA A 391 -7.32 4.80 14.33
N PHE A 392 -6.40 4.11 13.70
CA PHE A 392 -5.40 3.28 14.37
C PHE A 392 -4.06 3.66 13.75
N LYS A 393 -3.28 4.49 14.44
CA LYS A 393 -2.02 5.01 13.90
C LYS A 393 -0.83 4.74 14.82
N PRO A 394 -0.68 3.51 15.33
CA PRO A 394 0.46 3.25 16.21
C PRO A 394 1.80 3.35 15.50
N PHE A 395 1.81 3.31 14.17
CA PHE A 395 3.04 3.32 13.40
C PHE A 395 3.13 4.57 12.52
N GLY A 396 2.49 5.65 12.94
CA GLY A 396 2.54 6.88 12.18
C GLY A 396 1.66 6.80 10.96
N ASN A 397 1.97 7.62 9.97
CA ASN A 397 1.09 7.79 8.84
C ASN A 397 1.86 7.92 7.53
N GLY A 398 1.28 7.33 6.48
CA GLY A 398 1.72 7.60 5.13
C GLY A 398 3.17 7.20 4.89
N GLN A 399 3.85 7.99 4.07
CA GLN A 399 5.23 7.67 3.71
C GLN A 399 6.16 7.82 4.90
N ARG A 400 5.78 8.62 5.89
CA ARG A 400 6.54 8.78 7.11
C ARG A 400 6.09 7.83 8.19
N ALA A 401 5.27 6.84 7.84
CA ALA A 401 4.88 5.82 8.80
C ALA A 401 6.11 4.98 9.19
N CYS A 402 5.92 4.14 10.20
CA CYS A 402 7.00 3.32 10.69
C CYS A 402 7.48 2.36 9.60
N ILE A 403 8.74 2.51 9.18
CA ILE A 403 9.30 1.54 8.25
C ILE A 403 9.52 0.19 8.93
N GLY A 404 9.67 0.18 10.25
CA GLY A 404 9.90 -1.05 10.97
C GLY A 404 8.65 -1.73 11.48
N GLN A 405 7.47 -1.29 11.04
CA GLN A 405 6.20 -1.83 11.53
C GLN A 405 6.14 -3.35 11.39
N GLN A 406 6.32 -3.85 10.16
CA GLN A 406 6.29 -5.29 9.94
C GLN A 406 7.39 -5.98 10.74
N PHE A 407 8.56 -5.34 10.84
CA PHE A 407 9.63 -5.87 11.68
C PHE A 407 9.20 -5.95 13.14
N ALA A 408 8.63 -4.85 13.66
CA ALA A 408 8.18 -4.84 15.05
C ALA A 408 7.08 -5.86 15.29
N LEU A 409 6.12 -5.95 14.38
CA LEU A 409 4.99 -6.84 14.57
C LEU A 409 5.39 -8.30 14.42
N HIS A 410 6.26 -8.60 13.46
CA HIS A 410 6.71 -9.98 13.29
C HIS A 410 7.51 -10.43 14.50
N GLU A 411 8.44 -9.59 14.96
CA GLU A 411 9.21 -9.91 16.15
C GLU A 411 8.30 -10.07 17.36
N ALA A 412 7.41 -9.10 17.57
CA ALA A 412 6.53 -9.17 18.74
C ALA A 412 5.56 -10.34 18.64
N THR A 413 5.10 -10.66 17.43
CA THR A 413 4.21 -11.81 17.28
C THR A 413 4.95 -13.11 17.55
N LEU A 414 6.13 -13.26 16.96
CA LEU A 414 6.94 -14.45 17.23
C LEU A 414 7.23 -14.58 18.71
N VAL A 415 7.72 -13.50 19.33
CA VAL A 415 8.16 -13.57 20.72
C VAL A 415 6.99 -13.80 21.65
N LEU A 416 5.88 -13.06 21.45
CA LEU A 416 4.69 -13.29 22.26
C LEU A 416 4.15 -14.69 22.02
N GLY A 417 4.16 -15.16 20.78
CA GLY A 417 3.70 -16.50 20.50
C GLY A 417 4.52 -17.55 21.21
N MET A 418 5.84 -17.38 21.22
CA MET A 418 6.70 -18.31 21.94
C MET A 418 6.47 -18.20 23.44
N MET A 419 6.31 -16.97 23.94
CA MET A 419 6.01 -16.78 25.35
C MET A 419 4.72 -17.50 25.73
N LEU A 420 3.68 -17.31 24.91
CA LEU A 420 2.39 -17.95 25.20
C LEU A 420 2.47 -19.46 25.04
N LYS A 421 3.28 -19.93 24.11
CA LYS A 421 3.40 -21.38 23.92
C LYS A 421 4.14 -22.02 25.08
N HIS A 422 5.19 -21.39 25.57
CA HIS A 422 6.12 -22.05 26.48
C HIS A 422 5.84 -21.78 27.95
N PHE A 423 4.99 -20.82 28.28
CA PHE A 423 4.79 -20.44 29.67
C PHE A 423 3.35 -20.10 29.94
N ASP A 424 2.87 -20.51 31.10
CA ASP A 424 1.73 -19.89 31.74
C ASP A 424 2.24 -18.72 32.58
N PHE A 425 1.54 -17.61 32.53
CA PHE A 425 1.99 -16.38 33.16
C PHE A 425 1.09 -16.02 34.34
N GLU A 426 1.70 -15.53 35.41
CA GLU A 426 1.00 -15.14 36.61
C GLU A 426 1.29 -13.67 36.89
N ASP A 427 0.22 -12.88 37.04
CA ASP A 427 0.34 -11.51 37.53
C ASP A 427 0.44 -11.56 39.07
N HIS A 428 1.59 -12.06 39.53
CA HIS A 428 1.72 -12.45 40.93
C HIS A 428 1.66 -11.25 41.88
N THR A 429 1.99 -10.05 41.42
CA THR A 429 1.89 -8.87 42.27
C THR A 429 0.59 -8.11 42.10
N ASN A 430 -0.35 -8.62 41.31
CA ASN A 430 -1.50 -7.83 40.86
C ASN A 430 -0.99 -6.47 40.39
N TYR A 431 -0.16 -6.52 39.35
CA TYR A 431 0.63 -5.36 38.96
C TYR A 431 -0.26 -4.18 38.61
N GLU A 432 -0.01 -3.05 39.26
CA GLU A 432 -0.74 -1.82 39.01
C GLU A 432 -0.06 -1.08 37.87
N LEU A 433 -0.78 -0.91 36.76
CA LEU A 433 -0.19 -0.30 35.58
C LEU A 433 0.40 1.05 35.91
N ASP A 434 1.73 1.15 35.79
CA ASP A 434 2.46 2.40 36.00
C ASP A 434 3.28 2.62 34.74
N ILE A 435 2.88 3.59 33.94
CA ILE A 435 3.50 3.78 32.63
C ILE A 435 4.61 4.80 32.75
N LYS A 436 5.85 4.32 32.72
CA LYS A 436 6.99 5.21 32.60
C LYS A 436 6.99 5.85 31.22
N GLU A 437 7.29 7.13 31.19
CA GLU A 437 7.32 7.87 29.94
C GLU A 437 8.75 8.34 29.70
N THR A 438 9.34 7.84 28.63
CA THR A 438 10.54 8.45 28.04
C THR A 438 10.10 9.16 26.77
N LEU A 439 10.73 8.94 25.63
CA LEU A 439 10.03 9.27 24.41
C LEU A 439 9.10 8.16 23.98
N THR A 440 9.13 7.03 24.68
CA THR A 440 8.21 5.91 24.48
C THR A 440 7.51 5.58 25.79
N LEU A 441 6.62 4.61 25.74
CA LEU A 441 5.83 4.20 26.90
C LEU A 441 6.14 2.75 27.24
N LYS A 442 6.24 2.47 28.54
CA LYS A 442 6.51 1.13 29.03
C LYS A 442 5.78 0.98 30.34
N PRO A 443 5.28 -0.20 30.65
CA PRO A 443 4.71 -0.44 31.98
C PRO A 443 5.80 -0.64 33.01
N GLU A 444 6.19 0.43 33.71
CA GLU A 444 7.33 0.36 34.60
C GLU A 444 7.03 -0.58 35.76
N GLY A 445 8.05 -1.36 36.16
CA GLY A 445 7.89 -2.29 37.26
C GLY A 445 6.99 -3.48 36.98
N PHE A 446 6.56 -3.66 35.73
CA PHE A 446 5.69 -4.78 35.40
C PHE A 446 6.46 -6.08 35.53
N VAL A 447 6.00 -6.94 36.45
CA VAL A 447 6.68 -8.19 36.73
C VAL A 447 5.65 -9.30 36.64
N VAL A 448 6.09 -10.46 36.14
CA VAL A 448 5.26 -11.65 36.09
C VAL A 448 6.10 -12.84 36.54
N LYS A 449 5.40 -13.89 36.96
CA LYS A 449 5.98 -15.22 37.07
C LYS A 449 5.57 -16.03 35.85
N ALA A 450 6.49 -16.81 35.33
CA ALA A 450 6.20 -17.73 34.24
C ALA A 450 6.40 -19.16 34.73
N LYS A 451 5.32 -19.92 34.77
CA LYS A 451 5.41 -21.36 34.97
C LYS A 451 5.63 -22.00 33.62
N SER A 452 6.79 -22.64 33.44
CA SER A 452 7.07 -23.29 32.18
C SER A 452 6.06 -24.40 31.90
N LYS A 453 5.70 -24.53 30.63
CA LYS A 453 4.92 -25.68 30.17
C LYS A 453 5.80 -26.87 29.82
N LYS A 454 7.11 -26.75 30.00
CA LYS A 454 8.07 -27.84 29.79
C LYS A 454 8.07 -28.33 28.35
N ILE A 455 7.84 -27.42 27.40
CA ILE A 455 7.85 -27.74 25.97
C ILE A 455 9.24 -27.41 25.44
N PRO A 456 10.00 -28.39 24.97
CA PRO A 456 11.39 -28.14 24.58
C PRO A 456 11.48 -27.25 23.35
N LEU A 457 12.69 -26.76 23.11
CA LEU A 457 12.98 -25.89 21.98
C LEU A 457 13.77 -26.63 20.91
N LYS B 5 14.04 -26.86 -13.77
CA LYS B 5 14.54 -27.10 -15.13
C LYS B 5 13.40 -27.49 -16.07
N GLU B 6 12.79 -28.65 -15.81
CA GLU B 6 11.66 -29.10 -16.62
C GLU B 6 10.46 -28.21 -16.36
N MET B 7 9.84 -27.74 -17.43
CA MET B 7 8.77 -26.76 -17.22
C MET B 7 7.41 -27.43 -17.27
N PRO B 8 6.54 -27.17 -16.29
CA PRO B 8 5.21 -27.78 -16.30
C PRO B 8 4.42 -27.37 -17.53
N GLN B 9 3.46 -28.21 -17.89
CA GLN B 9 2.66 -27.95 -19.07
C GLN B 9 1.26 -28.51 -18.83
N PRO B 10 0.20 -27.75 -19.12
CA PRO B 10 -1.14 -28.28 -18.89
C PRO B 10 -1.51 -29.36 -19.90
N LYS B 11 -2.70 -29.94 -19.76
CA LYS B 11 -3.09 -31.05 -20.60
C LYS B 11 -3.05 -30.66 -22.07
N THR B 12 -2.72 -31.63 -22.91
CA THR B 12 -2.55 -31.42 -24.34
C THR B 12 -3.72 -32.05 -25.10
N PHE B 13 -3.83 -31.68 -26.38
CA PHE B 13 -4.92 -32.14 -27.23
C PHE B 13 -4.37 -32.71 -28.53
N GLY B 14 -3.40 -33.62 -28.41
CA GLY B 14 -2.82 -34.20 -29.61
C GLY B 14 -2.09 -33.16 -30.41
N GLU B 15 -2.44 -33.06 -31.70
CA GLU B 15 -1.75 -32.12 -32.59
C GLU B 15 -1.99 -30.68 -32.18
N LEU B 16 -3.12 -30.40 -31.53
CA LEU B 16 -3.41 -29.04 -31.11
C LEU B 16 -2.70 -28.65 -29.82
N LYS B 17 -2.00 -29.60 -29.18
CA LYS B 17 -1.25 -29.34 -27.96
C LYS B 17 -2.16 -28.67 -26.93
N ASN B 18 -1.79 -27.49 -26.45
CA ASN B 18 -2.57 -26.81 -25.42
C ASN B 18 -3.63 -25.86 -25.96
N LEU B 19 -3.61 -25.52 -27.25
CA LEU B 19 -4.49 -24.48 -27.78
C LEU B 19 -5.98 -24.68 -27.43
N PRO B 20 -6.56 -25.89 -27.48
CA PRO B 20 -7.98 -26.01 -27.12
C PRO B 20 -8.28 -25.62 -25.68
N LEU B 21 -7.27 -25.55 -24.80
CA LEU B 21 -7.49 -25.01 -23.47
C LEU B 21 -7.96 -23.57 -23.53
N LEU B 22 -7.59 -22.85 -24.59
CA LEU B 22 -8.10 -21.51 -24.81
C LEU B 22 -9.45 -21.52 -25.50
N ASN B 23 -9.86 -22.66 -26.06
CA ASN B 23 -11.20 -22.78 -26.59
C ASN B 23 -12.18 -22.85 -25.44
N THR B 24 -12.38 -21.71 -24.78
CA THR B 24 -13.25 -21.60 -23.62
C THR B 24 -13.59 -20.13 -23.48
N ASP B 25 -14.77 -19.85 -22.92
CA ASP B 25 -15.21 -18.47 -22.86
C ASP B 25 -14.56 -17.69 -21.73
N LYS B 26 -13.82 -18.36 -20.84
CA LYS B 26 -13.08 -17.72 -19.75
C LYS B 26 -11.63 -18.20 -19.76
N PRO B 27 -10.85 -17.76 -20.75
CA PRO B 27 -9.48 -18.29 -20.88
C PRO B 27 -8.51 -17.80 -19.82
N VAL B 28 -8.62 -16.55 -19.37
CA VAL B 28 -7.74 -16.08 -18.29
C VAL B 28 -7.97 -16.90 -17.03
N GLN B 29 -9.24 -17.07 -16.67
CA GLN B 29 -9.57 -17.89 -15.49
C GLN B 29 -9.18 -19.34 -15.71
N ALA B 30 -9.29 -19.85 -16.94
CA ALA B 30 -8.76 -21.18 -17.23
C ALA B 30 -7.25 -21.20 -17.08
N LEU B 31 -6.57 -20.15 -17.54
CA LEU B 31 -5.12 -20.06 -17.35
C LEU B 31 -4.75 -19.89 -15.89
N MET B 32 -5.60 -19.21 -15.11
CA MET B 32 -5.35 -19.07 -13.68
C MET B 32 -5.46 -20.40 -12.97
N LYS B 33 -6.49 -21.18 -13.29
CA LYS B 33 -6.63 -22.49 -12.65
C LYS B 33 -5.48 -23.41 -13.04
N ILE B 34 -5.02 -23.32 -14.29
CA ILE B 34 -3.83 -24.05 -14.70
C ILE B 34 -2.63 -23.59 -13.88
N ALA B 35 -2.48 -22.27 -13.73
CA ALA B 35 -1.38 -21.75 -12.92
C ALA B 35 -1.51 -22.18 -11.46
N ASP B 36 -2.75 -22.24 -10.95
CA ASP B 36 -2.97 -22.77 -9.61
C ASP B 36 -2.49 -24.21 -9.52
N GLU B 37 -2.66 -24.98 -10.59
CA GLU B 37 -2.29 -26.39 -10.59
C GLU B 37 -0.79 -26.57 -10.85
N LEU B 38 -0.21 -25.77 -11.76
CA LEU B 38 1.15 -26.00 -12.20
C LEU B 38 2.18 -25.06 -11.58
N GLY B 39 1.76 -23.94 -11.02
CA GLY B 39 2.69 -23.07 -10.33
C GLY B 39 3.14 -21.84 -11.08
N GLU B 40 4.34 -21.36 -10.76
CA GLU B 40 4.78 -20.02 -11.16
C GLU B 40 5.04 -19.90 -12.65
N ILE B 41 5.18 -21.01 -13.37
CA ILE B 41 5.45 -20.97 -14.79
C ILE B 41 5.01 -22.29 -15.41
N PHE B 42 4.35 -22.20 -16.56
CA PHE B 42 4.03 -23.40 -17.31
C PHE B 42 4.11 -23.11 -18.80
N LYS B 43 4.67 -24.07 -19.53
CA LYS B 43 4.75 -23.95 -20.98
C LYS B 43 3.36 -24.12 -21.58
N PHE B 44 3.02 -23.25 -22.52
CA PHE B 44 1.77 -23.37 -23.25
C PHE B 44 2.11 -23.48 -24.73
N GLU B 45 1.82 -24.63 -25.32
CA GLU B 45 2.18 -24.94 -26.70
C GLU B 45 0.94 -24.97 -27.57
N ALA B 46 1.09 -24.50 -28.80
CA ALA B 46 0.06 -24.58 -29.81
C ALA B 46 0.76 -24.85 -31.13
N PRO B 47 0.04 -25.22 -32.20
CA PRO B 47 0.68 -25.32 -33.52
C PRO B 47 1.39 -24.03 -33.91
N GLY B 48 2.71 -24.11 -34.06
CA GLY B 48 3.47 -22.94 -34.46
C GLY B 48 3.57 -21.87 -33.42
N ARG B 49 3.39 -22.20 -32.14
CA ARG B 49 3.43 -21.20 -31.08
C ARG B 49 3.85 -21.87 -29.78
N VAL B 50 4.83 -21.26 -29.10
CA VAL B 50 5.22 -21.66 -27.76
C VAL B 50 5.30 -20.40 -26.91
N THR B 51 4.63 -20.42 -25.76
CA THR B 51 4.76 -19.35 -24.81
C THR B 51 4.82 -19.93 -23.41
N ARG B 52 5.16 -19.08 -22.46
CA ARG B 52 5.32 -19.47 -21.06
C ARG B 52 4.54 -18.48 -20.21
N TYR B 53 3.66 -19.00 -19.38
CA TYR B 53 2.81 -18.16 -18.54
C TYR B 53 3.46 -18.00 -17.18
N LEU B 54 3.82 -16.78 -16.84
CA LEU B 54 4.43 -16.47 -15.57
C LEU B 54 3.36 -16.04 -14.59
N SER B 55 3.45 -16.53 -13.36
CA SER B 55 2.47 -16.23 -12.32
C SER B 55 3.08 -15.76 -11.01
N SER B 56 4.39 -15.87 -10.82
CA SER B 56 5.02 -15.42 -9.59
C SER B 56 5.74 -14.11 -9.82
N GLN B 57 5.76 -13.28 -8.76
CA GLN B 57 6.57 -12.07 -8.81
C GLN B 57 8.05 -12.40 -9.00
N ARG B 58 8.49 -13.57 -8.53
CA ARG B 58 9.89 -13.96 -8.65
C ARG B 58 10.33 -14.00 -10.11
N LEU B 59 9.52 -14.62 -10.97
CA LEU B 59 9.88 -14.69 -12.38
C LEU B 59 9.47 -13.44 -13.14
N ILE B 60 8.35 -12.82 -12.76
CA ILE B 60 7.86 -11.66 -13.48
C ILE B 60 8.76 -10.46 -13.23
N LYS B 61 9.35 -10.34 -12.05
CA LYS B 61 10.30 -9.26 -11.82
C LYS B 61 11.49 -9.37 -12.76
N GLU B 62 11.86 -10.60 -13.14
CA GLU B 62 12.89 -10.80 -14.15
C GLU B 62 12.34 -10.54 -15.55
N ALA B 63 11.13 -11.05 -15.84
CA ALA B 63 10.49 -10.72 -17.10
C ALA B 63 10.34 -9.22 -17.28
N CYS B 64 10.18 -8.49 -16.19
CA CYS B 64 10.03 -7.04 -16.24
C CYS B 64 11.36 -6.31 -16.37
N ASP B 65 12.48 -7.02 -16.35
CA ASP B 65 13.77 -6.42 -16.71
C ASP B 65 13.71 -6.05 -18.19
N GLU B 66 13.66 -4.74 -18.46
CA GLU B 66 13.57 -4.29 -19.84
C GLU B 66 14.86 -4.51 -20.61
N SER B 67 15.99 -4.67 -19.91
CA SER B 67 17.23 -5.01 -20.58
C SER B 67 17.24 -6.44 -21.08
N ARG B 68 16.38 -7.29 -20.53
CA ARG B 68 16.33 -8.69 -20.94
C ARG B 68 15.08 -9.06 -21.73
N PHE B 69 13.96 -8.41 -21.45
CA PHE B 69 12.71 -8.74 -22.12
C PHE B 69 12.05 -7.46 -22.60
N ASP B 70 11.51 -7.54 -23.81
CA ASP B 70 10.77 -6.43 -24.41
C ASP B 70 9.32 -6.86 -24.58
N LYS B 71 8.43 -5.87 -24.70
CA LYS B 71 7.05 -6.20 -24.95
C LYS B 71 6.91 -7.02 -26.23
N ASN B 72 6.21 -8.13 -26.12
CA ASN B 72 5.81 -8.93 -27.25
C ASN B 72 4.35 -8.65 -27.57
N LEU B 73 4.01 -8.71 -28.85
CA LEU B 73 2.61 -8.73 -29.24
C LEU B 73 2.10 -10.17 -29.10
N SER B 74 1.27 -10.38 -28.08
CA SER B 74 0.53 -11.63 -27.98
C SER B 74 -0.32 -11.82 -29.24
N GLN B 75 -0.87 -13.03 -29.39
CA GLN B 75 -1.76 -13.26 -30.52
C GLN B 75 -2.96 -12.33 -30.48
N ALA B 76 -3.44 -12.00 -29.27
CA ALA B 76 -4.53 -11.05 -29.15
C ALA B 76 -4.12 -9.66 -29.65
N LEU B 77 -2.93 -9.21 -29.27
CA LEU B 77 -2.48 -7.89 -29.72
C LEU B 77 -2.25 -7.86 -31.23
N LYS B 78 -1.74 -8.96 -31.79
CA LYS B 78 -1.58 -9.01 -33.25
C LYS B 78 -2.93 -8.92 -33.95
N PHE B 79 -3.97 -9.54 -33.38
CA PHE B 79 -5.29 -9.40 -33.99
C PHE B 79 -5.86 -8.02 -33.75
N VAL B 80 -5.64 -7.44 -32.57
CA VAL B 80 -6.04 -6.05 -32.35
C VAL B 80 -5.24 -5.14 -33.27
N ARG B 81 -3.98 -5.50 -33.53
CA ARG B 81 -3.18 -4.70 -34.45
C ARG B 81 -3.83 -4.60 -35.82
N ASP B 82 -4.66 -5.58 -36.20
CA ASP B 82 -5.34 -5.51 -37.50
C ASP B 82 -6.22 -4.28 -37.63
N PHE B 83 -6.61 -3.66 -36.51
CA PHE B 83 -7.30 -2.38 -36.55
C PHE B 83 -6.69 -1.32 -35.64
N ALA B 84 -5.94 -1.68 -34.61
CA ALA B 84 -5.19 -0.69 -33.85
C ALA B 84 -3.87 -0.35 -34.50
N GLY B 85 -3.48 -1.06 -35.56
CA GLY B 85 -2.29 -0.75 -36.34
C GLY B 85 -1.06 -0.67 -35.49
N ASP B 86 -0.16 0.25 -35.87
CA ASP B 86 0.99 0.57 -35.04
C ASP B 86 0.67 1.63 -34.00
N GLY B 87 -0.58 1.66 -33.50
CA GLY B 87 -0.87 2.41 -32.31
C GLY B 87 -0.01 1.93 -31.15
N LEU B 88 -0.03 2.72 -30.07
CA LEU B 88 0.92 2.49 -28.97
C LEU B 88 0.82 1.07 -28.43
N ALA B 89 -0.40 0.56 -28.26
CA ALA B 89 -0.57 -0.70 -27.54
C ALA B 89 -0.20 -1.91 -28.40
N THR B 90 -0.35 -1.81 -29.71
CA THR B 90 -0.14 -2.95 -30.60
C THR B 90 1.09 -2.76 -31.48
N SER B 91 1.98 -1.88 -31.10
CA SER B 91 3.22 -1.66 -31.82
CA SER B 91 3.22 -1.66 -31.82
C SER B 91 4.38 -2.30 -31.06
N TRP B 92 5.39 -2.73 -31.79
CA TRP B 92 6.59 -3.22 -31.16
C TRP B 92 7.42 -2.03 -30.69
N THR B 93 8.20 -2.26 -29.63
CA THR B 93 9.01 -1.18 -29.09
C THR B 93 9.98 -0.63 -30.13
N HIS B 94 10.46 -1.49 -31.03
CA HIS B 94 11.42 -1.09 -32.04
C HIS B 94 10.78 -0.43 -33.26
N GLU B 95 9.46 -0.39 -33.33
CA GLU B 95 8.81 0.34 -34.41
C GLU B 95 8.95 1.84 -34.16
N LYS B 96 9.31 2.57 -35.21
CA LYS B 96 9.53 4.00 -35.07
C LYS B 96 8.30 4.68 -34.48
N ASN B 97 7.12 4.21 -34.86
CA ASN B 97 5.90 4.86 -34.40
C ASN B 97 5.60 4.61 -32.94
N TRP B 98 6.20 3.60 -32.31
CA TRP B 98 5.93 3.44 -30.88
C TRP B 98 6.56 4.57 -30.09
N LYS B 99 7.89 4.70 -30.14
CA LYS B 99 8.59 5.72 -29.36
C LYS B 99 8.19 7.11 -29.81
N LYS B 100 8.01 7.30 -31.12
CA LYS B 100 7.52 8.57 -31.63
C LYS B 100 6.19 8.93 -30.98
N ALA B 101 5.20 8.03 -31.06
CA ALA B 101 3.91 8.33 -30.45
C ALA B 101 3.99 8.32 -28.93
N HIS B 102 4.86 7.48 -28.37
CA HIS B 102 5.07 7.50 -26.92
C HIS B 102 5.54 8.87 -26.45
N ASN B 103 6.56 9.43 -27.12
CA ASN B 103 7.07 10.73 -26.72
C ASN B 103 6.04 11.82 -26.94
N ILE B 104 5.30 11.75 -28.05
CA ILE B 104 4.30 12.77 -28.34
C ILE B 104 3.14 12.68 -27.35
N LEU B 105 2.76 11.47 -26.96
CA LEU B 105 1.57 11.27 -26.16
C LEU B 105 1.82 11.22 -24.67
N LEU B 106 3.05 10.94 -24.23
CA LEU B 106 3.32 10.88 -22.80
C LEU B 106 2.96 12.18 -22.07
N PRO B 107 3.30 13.37 -22.56
CA PRO B 107 2.90 14.59 -21.81
C PRO B 107 1.39 14.75 -21.69
N SER B 108 0.63 14.32 -22.68
CA SER B 108 -0.82 14.42 -22.60
C SER B 108 -1.44 13.31 -21.75
N PHE B 109 -0.63 12.51 -21.07
CA PHE B 109 -1.13 11.48 -20.18
C PHE B 109 -0.56 11.61 -18.77
N SER B 110 0.21 12.66 -18.50
CA SER B 110 0.84 12.80 -17.20
C SER B 110 -0.21 13.06 -16.12
N GLN B 111 0.22 12.95 -14.86
CA GLN B 111 -0.62 13.40 -13.76
C GLN B 111 -0.92 14.89 -13.89
N GLN B 112 0.02 15.65 -14.46
CA GLN B 112 -0.24 17.07 -14.74
C GLN B 112 -1.29 17.24 -15.83
N ALA B 113 -1.40 16.28 -16.75
CA ALA B 113 -2.35 16.39 -17.85
C ALA B 113 -3.77 16.07 -17.42
N MET B 114 -3.95 15.30 -16.35
CA MET B 114 -5.29 14.97 -15.89
C MET B 114 -6.08 16.19 -15.48
N LYS B 115 -5.41 17.29 -15.11
CA LYS B 115 -6.11 18.52 -14.76
C LYS B 115 -6.93 19.03 -15.94
N GLY B 116 -6.42 18.89 -17.16
CA GLY B 116 -7.14 19.36 -18.32
C GLY B 116 -8.25 18.43 -18.77
N TYR B 117 -8.11 17.13 -18.51
CA TYR B 117 -9.16 16.16 -18.81
C TYR B 117 -10.24 16.13 -17.75
N HIS B 118 -9.97 16.64 -16.55
CA HIS B 118 -10.83 16.41 -15.40
C HIS B 118 -12.25 16.90 -15.65
N ALA B 119 -12.39 18.11 -16.20
CA ALA B 119 -13.71 18.67 -16.43
C ALA B 119 -14.53 17.80 -17.37
N MET B 120 -13.91 17.29 -18.43
CA MET B 120 -14.62 16.41 -19.35
C MET B 120 -14.95 15.08 -18.68
N MET B 121 -14.05 14.56 -17.86
CA MET B 121 -14.36 13.37 -17.07
C MET B 121 -15.56 13.61 -16.17
N VAL B 122 -15.56 14.75 -15.48
CA VAL B 122 -16.69 15.11 -14.62
C VAL B 122 -17.97 15.17 -15.46
N ASP B 123 -17.87 15.74 -16.67
CA ASP B 123 -19.02 15.79 -17.57
C ASP B 123 -19.68 14.41 -17.69
N ILE B 124 -18.90 13.40 -18.06
CA ILE B 124 -19.48 12.07 -18.22
C ILE B 124 -19.87 11.49 -16.87
N ALA B 125 -19.04 11.74 -15.85
CA ALA B 125 -19.36 11.21 -14.51
C ALA B 125 -20.69 11.78 -14.01
N VAL B 126 -20.94 13.06 -14.27
CA VAL B 126 -22.22 13.64 -13.88
C VAL B 126 -23.36 12.96 -14.63
N GLN B 127 -23.15 12.65 -15.91
CA GLN B 127 -24.15 11.93 -16.68
C GLN B 127 -24.42 10.55 -16.08
N LEU B 128 -23.37 9.88 -15.60
CA LEU B 128 -23.58 8.62 -14.89
C LEU B 128 -24.40 8.84 -13.62
N VAL B 129 -23.99 9.79 -12.79
CA VAL B 129 -24.71 10.05 -11.55
C VAL B 129 -26.16 10.43 -11.84
N GLN B 130 -26.37 11.32 -12.82
CA GLN B 130 -27.72 11.75 -13.16
C GLN B 130 -28.56 10.58 -13.65
N LYS B 131 -27.97 9.69 -14.44
CA LYS B 131 -28.71 8.52 -14.89
C LYS B 131 -29.20 7.70 -13.70
N TRP B 132 -28.33 7.48 -12.73
CA TRP B 132 -28.70 6.68 -11.57
C TRP B 132 -29.64 7.46 -10.65
N GLU B 133 -29.43 8.77 -10.53
CA GLU B 133 -30.38 9.60 -9.80
C GLU B 133 -31.77 9.51 -10.42
N ARG B 134 -31.85 9.31 -11.73
CA ARG B 134 -33.12 9.31 -12.44
C ARG B 134 -33.72 7.92 -12.57
N LEU B 135 -33.09 6.91 -12.00
CA LEU B 135 -33.70 5.59 -11.95
C LEU B 135 -34.90 5.59 -11.02
N ASN B 136 -35.90 4.80 -11.40
CA ASN B 136 -37.06 4.64 -10.54
C ASN B 136 -36.75 3.65 -9.43
N ALA B 137 -37.64 3.61 -8.43
CA ALA B 137 -37.49 2.68 -7.33
C ALA B 137 -37.48 1.24 -7.84
N ASP B 138 -36.68 0.39 -7.20
CA ASP B 138 -36.59 -1.03 -7.53
C ASP B 138 -36.03 -1.27 -8.93
N GLU B 139 -35.79 -0.20 -9.70
CA GLU B 139 -34.98 -0.34 -10.90
C GLU B 139 -33.53 -0.51 -10.50
N HIS B 140 -32.80 -1.30 -11.28
CA HIS B 140 -31.44 -1.62 -10.94
C HIS B 140 -30.47 -1.04 -11.95
N ILE B 141 -29.20 -1.11 -11.62
CA ILE B 141 -28.10 -0.65 -12.46
C ILE B 141 -27.40 -1.86 -13.03
N GLU B 142 -27.24 -1.88 -14.35
CA GLU B 142 -26.36 -2.85 -15.00
C GLU B 142 -24.97 -2.24 -14.98
N VAL B 143 -24.15 -2.65 -14.03
CA VAL B 143 -22.94 -1.91 -13.68
C VAL B 143 -21.92 -1.90 -14.83
N PRO B 144 -21.44 -3.04 -15.33
CA PRO B 144 -20.42 -2.96 -16.40
C PRO B 144 -20.93 -2.22 -17.61
N GLU B 145 -22.21 -2.35 -17.93
CA GLU B 145 -22.78 -1.62 -19.06
C GLU B 145 -22.67 -0.12 -18.82
N ASP B 146 -23.08 0.34 -17.64
CA ASP B 146 -23.00 1.78 -17.36
C ASP B 146 -21.55 2.23 -17.21
N MET B 147 -20.70 1.39 -16.63
CA MET B 147 -19.29 1.74 -16.54
C MET B 147 -18.68 1.86 -17.94
N THR B 148 -19.08 0.98 -18.85
CA THR B 148 -18.59 1.06 -20.22
C THR B 148 -19.12 2.31 -20.91
N ARG B 149 -20.41 2.63 -20.70
CA ARG B 149 -20.94 3.88 -21.21
C ARG B 149 -20.09 5.06 -20.74
N LEU B 150 -19.75 5.03 -19.45
CA LEU B 150 -19.00 6.14 -18.79
C LEU B 150 -17.55 6.23 -19.30
N THR B 151 -16.81 5.13 -19.32
CA THR B 151 -15.40 5.18 -19.69
C THR B 151 -15.23 5.43 -21.18
N LEU B 152 -16.05 4.78 -21.99
CA LEU B 152 -15.98 5.02 -23.43
C LEU B 152 -16.32 6.48 -23.74
N ASP B 153 -17.37 7.02 -23.12
CA ASP B 153 -17.68 8.43 -23.36
C ASP B 153 -16.59 9.33 -22.82
N THR B 154 -15.96 8.95 -21.71
CA THR B 154 -14.91 9.78 -21.16
C THR B 154 -13.71 9.83 -22.09
N ILE B 155 -13.29 8.67 -22.61
CA ILE B 155 -12.15 8.67 -23.52
C ILE B 155 -12.53 9.29 -24.84
N GLY B 156 -13.79 9.12 -25.27
CA GLY B 156 -14.22 9.82 -26.47
C GLY B 156 -14.15 11.31 -26.30
N LEU B 157 -14.65 11.81 -25.16
CA LEU B 157 -14.66 13.25 -24.91
C LEU B 157 -13.25 13.76 -24.60
N CYS B 158 -12.55 13.08 -23.70
CA CYS B 158 -11.21 13.52 -23.35
C CYS B 158 -10.20 13.23 -24.46
N GLY B 159 -10.45 12.21 -25.28
CA GLY B 159 -9.53 11.85 -26.32
C GLY B 159 -9.59 12.72 -27.54
N PHE B 160 -10.77 12.84 -28.16
CA PHE B 160 -10.88 13.65 -29.36
C PHE B 160 -12.20 14.41 -29.39
N ASN B 161 -12.64 14.88 -28.21
CA ASN B 161 -13.79 15.78 -28.09
C ASN B 161 -15.01 15.24 -28.82
N TYR B 162 -15.17 13.92 -28.82
CA TYR B 162 -16.30 13.28 -29.48
C TYR B 162 -17.22 12.72 -28.42
N ARG B 163 -18.50 12.98 -28.55
CA ARG B 163 -19.49 12.49 -27.60
C ARG B 163 -20.18 11.29 -28.23
N PHE B 164 -19.81 10.10 -27.74
CA PHE B 164 -20.54 8.90 -28.10
C PHE B 164 -21.96 8.91 -27.55
N ASN B 165 -22.20 9.71 -26.51
CA ASN B 165 -23.54 9.85 -25.92
C ASN B 165 -24.12 8.49 -25.55
N SER B 166 -23.28 7.65 -24.92
CA SER B 166 -23.70 6.31 -24.58
C SER B 166 -24.84 6.31 -23.58
N PHE B 167 -24.95 7.34 -22.74
CA PHE B 167 -26.07 7.43 -21.83
C PHE B 167 -27.34 7.88 -22.52
N TYR B 168 -27.28 8.18 -23.80
CA TYR B 168 -28.46 8.48 -24.60
C TYR B 168 -28.86 7.30 -25.49
N ARG B 169 -28.26 6.13 -25.27
CA ARG B 169 -28.40 5.01 -26.17
C ARG B 169 -28.68 3.73 -25.40
N ASP B 170 -29.42 2.82 -26.04
CA ASP B 170 -29.50 1.44 -25.61
C ASP B 170 -28.47 0.60 -26.38
N GLN B 171 -28.58 0.58 -27.70
CA GLN B 171 -27.55 0.01 -28.55
C GLN B 171 -26.43 1.03 -28.74
N PRO B 172 -25.18 0.65 -28.51
CA PRO B 172 -24.09 1.64 -28.57
C PRO B 172 -23.93 2.26 -29.94
N HIS B 173 -23.20 3.37 -29.96
CA HIS B 173 -22.90 4.10 -31.20
C HIS B 173 -22.32 3.12 -32.22
N PRO B 174 -22.66 3.26 -33.51
CA PRO B 174 -22.20 2.28 -34.50
C PRO B 174 -20.71 1.98 -34.46
N PHE B 175 -19.89 2.96 -34.11
CA PHE B 175 -18.47 2.70 -33.91
C PHE B 175 -18.24 1.68 -32.80
N ILE B 176 -19.00 1.78 -31.71
CA ILE B 176 -18.78 0.91 -30.57
C ILE B 176 -19.16 -0.52 -30.90
N THR B 177 -20.29 -0.70 -31.58
CA THR B 177 -20.70 -2.04 -31.99
C THR B 177 -19.64 -2.67 -32.88
N SER B 178 -19.11 -1.89 -33.83
CA SER B 178 -18.06 -2.41 -34.70
C SER B 178 -16.79 -2.71 -33.92
N MET B 179 -16.41 -1.80 -33.01
CA MET B 179 -15.19 -2.02 -32.23
C MET B 179 -15.27 -3.27 -31.37
N VAL B 180 -16.38 -3.43 -30.65
CA VAL B 180 -16.57 -4.63 -29.83
C VAL B 180 -16.63 -5.88 -30.69
N ARG B 181 -17.36 -5.81 -31.81
CA ARG B 181 -17.43 -6.96 -32.70
C ARG B 181 -16.09 -7.24 -33.36
N ALA B 182 -15.32 -6.20 -33.66
CA ALA B 182 -13.96 -6.42 -34.15
C ALA B 182 -13.10 -7.03 -33.06
N LEU B 183 -13.19 -6.50 -31.83
CA LEU B 183 -12.48 -7.08 -30.70
C LEU B 183 -12.95 -8.51 -30.44
N ASP B 184 -14.25 -8.76 -30.59
CA ASP B 184 -14.78 -10.11 -30.42
C ASP B 184 -14.21 -11.05 -31.47
N GLU B 185 -14.28 -10.67 -32.75
CA GLU B 185 -13.71 -11.49 -33.80
C GLU B 185 -12.22 -11.69 -33.60
N ALA B 186 -11.53 -10.65 -33.13
CA ALA B 186 -10.11 -10.79 -32.81
C ALA B 186 -9.89 -11.85 -31.73
N MET B 187 -10.75 -11.85 -30.72
CA MET B 187 -10.57 -12.83 -29.62
C MET B 187 -10.97 -14.21 -30.13
N ASN B 188 -12.01 -14.33 -30.97
CA ASN B 188 -12.45 -15.64 -31.47
C ASN B 188 -11.38 -16.29 -32.34
N LYS B 189 -10.50 -15.43 -32.84
CA LYS B 189 -9.42 -15.92 -33.69
C LYS B 189 -8.44 -16.65 -32.77
N LEU B 190 -8.37 -16.25 -31.51
CA LEU B 190 -7.42 -16.90 -30.60
C LEU B 190 -7.83 -18.35 -30.46
N GLN B 191 -9.06 -18.53 -30.02
CA GLN B 191 -9.73 -19.82 -29.68
C GLN B 191 -9.78 -20.72 -30.93
N ARG B 192 -9.94 -20.13 -32.12
CA ARG B 192 -9.96 -20.77 -33.46
C ARG B 192 -8.92 -21.86 -33.55
N TYR B 200 -15.97 -18.82 -41.70
CA TYR B 200 -15.43 -17.58 -41.09
C TYR B 200 -15.32 -16.50 -42.16
N ASP B 201 -15.76 -16.80 -43.38
CA ASP B 201 -15.71 -15.82 -44.49
C ASP B 201 -16.61 -14.63 -44.12
N GLU B 202 -17.78 -14.90 -43.56
CA GLU B 202 -18.76 -13.87 -43.15
C GLU B 202 -18.15 -13.04 -42.01
N ASN B 203 -17.47 -13.71 -41.08
CA ASN B 203 -16.81 -13.07 -39.92
C ASN B 203 -15.72 -12.15 -40.44
N LYS B 204 -15.05 -12.59 -41.50
CA LYS B 204 -13.95 -11.82 -42.14
C LYS B 204 -14.54 -10.53 -42.73
N ARG B 205 -15.60 -10.66 -43.50
CA ARG B 205 -16.22 -9.49 -44.17
C ARG B 205 -16.72 -8.52 -43.11
N GLN B 206 -17.34 -9.06 -42.06
CA GLN B 206 -17.86 -8.24 -40.95
C GLN B 206 -16.71 -7.51 -40.28
N PHE B 207 -15.62 -8.23 -40.06
CA PHE B 207 -14.42 -7.69 -39.41
C PHE B 207 -13.90 -6.57 -40.29
N GLN B 208 -13.81 -6.82 -41.58
CA GLN B 208 -13.35 -5.75 -42.49
C GLN B 208 -14.39 -4.62 -42.51
N GLU B 209 -15.64 -4.94 -42.23
CA GLU B 209 -16.67 -3.89 -42.27
C GLU B 209 -16.51 -3.08 -40.99
N ASP B 210 -16.28 -3.78 -39.90
CA ASP B 210 -16.11 -3.11 -38.63
C ASP B 210 -14.82 -2.29 -38.60
N ILE B 211 -13.79 -2.75 -39.33
CA ILE B 211 -12.56 -1.97 -39.44
C ILE B 211 -12.86 -0.66 -40.16
N LYS B 212 -13.59 -0.73 -41.27
CA LYS B 212 -13.92 0.48 -42.02
C LYS B 212 -14.79 1.42 -41.20
N VAL B 213 -15.76 0.86 -40.49
CA VAL B 213 -16.64 1.68 -39.64
C VAL B 213 -15.80 2.42 -38.62
N MET B 214 -14.88 1.72 -37.99
CA MET B 214 -14.00 2.36 -37.02
C MET B 214 -13.11 3.39 -37.70
N ASN B 215 -12.47 3.02 -38.81
CA ASN B 215 -11.59 3.94 -39.52
C ASN B 215 -12.35 5.15 -40.03
N ASP B 216 -13.53 4.90 -40.59
CA ASP B 216 -14.34 5.99 -41.18
C ASP B 216 -14.61 7.06 -40.11
N LEU B 217 -15.12 6.66 -38.96
CA LEU B 217 -15.44 7.67 -37.94
C LEU B 217 -14.19 8.43 -37.48
N VAL B 218 -13.13 7.72 -37.15
CA VAL B 218 -11.92 8.41 -36.62
C VAL B 218 -11.29 9.31 -37.66
N ASP B 219 -11.11 8.81 -38.88
CA ASP B 219 -10.46 9.58 -39.97
C ASP B 219 -11.33 10.78 -40.29
N LYS B 220 -12.65 10.61 -40.26
CA LYS B 220 -13.54 11.77 -40.46
C LYS B 220 -13.28 12.72 -39.31
N ILE B 221 -13.22 12.22 -38.09
CA ILE B 221 -12.96 13.16 -36.97
C ILE B 221 -11.58 13.77 -37.13
N ILE B 222 -10.56 13.01 -37.51
CA ILE B 222 -9.22 13.64 -37.68
C ILE B 222 -9.32 14.71 -38.77
N ALA B 223 -9.99 14.40 -39.88
CA ALA B 223 -10.18 15.38 -40.97
C ALA B 223 -11.03 16.56 -40.48
N ASP B 224 -12.10 16.28 -39.74
CA ASP B 224 -13.01 17.33 -39.27
C ASP B 224 -12.24 18.32 -38.40
N ARG B 225 -11.41 17.81 -37.52
CA ARG B 225 -10.60 18.65 -36.62
C ARG B 225 -9.42 19.16 -37.44
N GLN B 231 -8.86 24.29 -31.22
CA GLN B 231 -7.96 23.71 -30.23
C GLN B 231 -8.75 23.37 -28.97
N SER B 232 -8.68 22.11 -28.56
CA SER B 232 -9.36 21.61 -27.38
C SER B 232 -8.34 20.99 -26.44
N ASP B 233 -8.80 20.64 -25.24
CA ASP B 233 -7.93 20.03 -24.23
C ASP B 233 -7.95 18.51 -24.31
N ASP B 234 -7.72 17.97 -25.51
CA ASP B 234 -7.88 16.55 -25.77
C ASP B 234 -6.61 15.98 -26.41
N LEU B 235 -6.56 14.65 -26.45
CA LEU B 235 -5.42 13.94 -27.03
C LEU B 235 -5.28 14.23 -28.52
N LEU B 236 -6.39 14.47 -29.20
CA LEU B 236 -6.35 14.70 -30.65
C LEU B 236 -5.52 15.93 -30.99
N THR B 237 -5.69 17.03 -30.24
CA THR B 237 -4.88 18.22 -30.47
C THR B 237 -3.41 17.91 -30.29
N HIS B 238 -3.05 17.25 -29.18
CA HIS B 238 -1.66 16.91 -28.95
C HIS B 238 -1.09 16.04 -30.07
N MET B 239 -1.91 15.17 -30.65
CA MET B 239 -1.43 14.32 -31.74
C MET B 239 -1.29 15.05 -33.06
N LEU B 240 -2.11 16.09 -33.28
CA LEU B 240 -1.98 16.89 -34.49
C LEU B 240 -0.90 17.96 -34.35
N ASN B 241 -0.70 18.50 -33.16
CA ASN B 241 0.27 19.56 -32.94
C ASN B 241 1.55 19.07 -32.27
N GLY B 242 1.58 17.84 -31.78
CA GLY B 242 2.74 17.35 -31.07
C GLY B 242 3.81 16.84 -32.03
N LYS B 243 5.05 17.19 -31.72
CA LYS B 243 6.20 16.68 -32.45
C LYS B 243 7.03 15.84 -31.48
N ASP B 244 7.41 14.66 -31.94
CA ASP B 244 8.34 13.83 -31.20
C ASP B 244 9.64 14.60 -31.05
N PRO B 245 10.09 14.89 -29.83
CA PRO B 245 11.38 15.59 -29.68
C PRO B 245 12.53 14.88 -30.36
N GLU B 246 12.52 13.55 -30.36
CA GLU B 246 13.60 12.75 -30.91
C GLU B 246 13.69 12.94 -32.42
N THR B 247 12.68 12.49 -33.16
CA THR B 247 12.70 12.63 -34.62
C THR B 247 12.24 14.00 -35.09
N GLY B 248 11.75 14.86 -34.20
CA GLY B 248 11.19 16.12 -34.65
C GLY B 248 9.90 15.98 -35.44
N GLU B 249 9.42 14.76 -35.66
CA GLU B 249 8.29 14.48 -36.53
C GLU B 249 6.99 14.46 -35.75
N PRO B 250 5.92 14.96 -36.34
CA PRO B 250 4.59 14.71 -35.79
C PRO B 250 4.07 13.37 -36.31
N LEU B 251 3.12 12.81 -35.56
CA LEU B 251 2.43 11.62 -36.03
C LEU B 251 1.70 11.91 -37.34
N ASP B 252 1.82 11.00 -38.30
CA ASP B 252 1.02 11.12 -39.52
C ASP B 252 -0.43 10.76 -39.22
N ASP B 253 -1.33 11.18 -40.13
CA ASP B 253 -2.76 11.00 -39.89
C ASP B 253 -3.12 9.54 -39.67
N GLU B 254 -2.48 8.62 -40.40
CA GLU B 254 -2.80 7.21 -40.24
C GLU B 254 -2.49 6.73 -38.82
N ASN B 255 -1.29 7.06 -38.32
CA ASN B 255 -0.95 6.64 -36.98
C ASN B 255 -1.83 7.34 -35.95
N ILE B 256 -2.15 8.62 -36.17
CA ILE B 256 -3.10 9.31 -35.29
C ILE B 256 -4.40 8.53 -35.20
N ARG B 257 -4.89 8.06 -36.34
CA ARG B 257 -6.11 7.25 -36.35
C ARG B 257 -5.94 5.98 -35.55
N TYR B 258 -4.79 5.31 -35.72
CA TYR B 258 -4.53 4.09 -34.94
C TYR B 258 -4.47 4.40 -33.46
N GLN B 259 -3.92 5.56 -33.09
CA GLN B 259 -3.86 5.91 -31.67
C GLN B 259 -5.25 6.15 -31.10
N ILE B 260 -6.11 6.85 -31.85
CA ILE B 260 -7.47 7.09 -31.36
C ILE B 260 -8.21 5.77 -31.19
N ILE B 261 -8.17 4.92 -32.22
CA ILE B 261 -8.73 3.58 -32.09
C ILE B 261 -8.09 2.86 -30.91
N THR B 262 -6.77 2.93 -30.79
CA THR B 262 -6.08 2.36 -29.64
C THR B 262 -6.64 2.93 -28.34
N PHE B 263 -6.70 4.25 -28.25
CA PHE B 263 -7.24 4.88 -27.04
C PHE B 263 -8.71 4.52 -26.84
N LEU B 264 -9.44 4.46 -27.93
CA LEU B 264 -10.86 4.09 -27.77
C LEU B 264 -10.87 2.68 -27.24
N ILE B 265 -10.12 1.77 -27.82
CA ILE B 265 -10.20 0.42 -27.24
C ILE B 265 -9.56 0.35 -25.86
N ALA B 266 -8.32 0.78 -25.79
CA ALA B 266 -7.53 0.59 -24.56
C ALA B 266 -8.16 1.39 -23.44
N GLY B 267 -8.54 2.61 -23.75
CA GLY B 267 -9.05 3.48 -22.68
C GLY B 267 -10.51 3.33 -22.34
N HIS B 268 -11.22 2.28 -22.73
CA HIS B 268 -12.57 2.25 -22.17
C HIS B 268 -12.87 0.95 -21.45
N GLU B 269 -12.47 -0.20 -21.99
CA GLU B 269 -12.99 -1.45 -21.43
C GLU B 269 -12.23 -1.87 -20.17
N THR B 270 -10.92 -1.69 -20.13
CA THR B 270 -10.18 -1.98 -18.91
C THR B 270 -10.62 -1.06 -17.78
N THR B 271 -10.91 0.20 -18.10
CA THR B 271 -11.33 1.13 -17.06
C THR B 271 -12.74 0.84 -16.59
N SER B 272 -13.64 0.43 -17.50
CA SER B 272 -14.98 0.07 -17.08
C SER B 272 -14.97 -1.21 -16.24
N GLY B 273 -14.16 -2.19 -16.64
CA GLY B 273 -14.02 -3.38 -15.83
C GLY B 273 -13.51 -3.07 -14.43
N LEU B 274 -12.51 -2.19 -14.33
CA LEU B 274 -11.99 -1.81 -13.02
C LEU B 274 -13.09 -1.21 -12.15
N LEU B 275 -13.82 -0.23 -12.71
CA LEU B 275 -14.94 0.35 -12.00
C LEU B 275 -15.98 -0.71 -11.63
N SER B 276 -16.27 -1.61 -12.57
CA SER B 276 -17.29 -2.63 -12.31
C SER B 276 -16.82 -3.61 -11.26
N PHE B 277 -15.54 -4.01 -11.31
CA PHE B 277 -14.98 -4.86 -10.26
C PHE B 277 -14.88 -4.11 -8.94
N ALA B 278 -14.49 -2.84 -8.98
CA ALA B 278 -14.41 -2.05 -7.76
C ALA B 278 -15.75 -2.01 -7.06
N LEU B 279 -16.81 -1.66 -7.80
CA LEU B 279 -18.13 -1.61 -7.20
C LEU B 279 -18.60 -2.99 -6.77
N TYR B 280 -18.31 -4.02 -7.56
CA TYR B 280 -18.60 -5.39 -7.12
C TYR B 280 -17.96 -5.66 -5.76
N PHE B 281 -16.67 -5.37 -5.64
CA PHE B 281 -16.00 -5.66 -4.39
C PHE B 281 -16.48 -4.76 -3.27
N LEU B 282 -16.91 -3.54 -3.59
CA LEU B 282 -17.45 -2.66 -2.58
C LEU B 282 -18.75 -3.22 -2.01
N VAL B 283 -19.67 -3.67 -2.87
CA VAL B 283 -20.95 -4.18 -2.38
C VAL B 283 -20.81 -5.56 -1.75
N LYS B 284 -19.72 -6.27 -2.02
CA LYS B 284 -19.46 -7.54 -1.35
C LYS B 284 -18.71 -7.37 -0.03
N ASN B 285 -18.17 -6.18 0.23
CA ASN B 285 -17.41 -5.89 1.44
C ASN B 285 -17.93 -4.58 2.03
N PRO B 286 -19.06 -4.64 2.74
CA PRO B 286 -19.68 -3.40 3.23
C PRO B 286 -18.77 -2.54 4.07
N HIS B 287 -17.83 -3.14 4.81
CA HIS B 287 -16.89 -2.35 5.60
C HIS B 287 -16.02 -1.49 4.70
N VAL B 288 -15.50 -2.08 3.62
CA VAL B 288 -14.71 -1.32 2.66
C VAL B 288 -15.57 -0.27 1.98
N LEU B 289 -16.80 -0.62 1.62
CA LEU B 289 -17.70 0.34 0.98
C LEU B 289 -17.99 1.50 1.91
N GLN B 290 -18.31 1.21 3.17
CA GLN B 290 -18.54 2.28 4.13
C GLN B 290 -17.31 3.18 4.25
N LYS B 291 -16.14 2.56 4.38
CA LYS B 291 -14.90 3.31 4.49
C LYS B 291 -14.68 4.18 3.26
N ALA B 292 -14.90 3.61 2.07
CA ALA B 292 -14.73 4.38 0.85
C ALA B 292 -15.82 5.43 0.69
N ALA B 293 -17.06 5.08 1.06
CA ALA B 293 -18.13 6.08 1.00
C ALA B 293 -17.85 7.24 1.95
N GLU B 294 -17.38 6.94 3.16
CA GLU B 294 -17.08 8.00 4.12
C GLU B 294 -16.01 8.93 3.56
N GLU B 295 -15.01 8.39 2.88
CA GLU B 295 -13.99 9.25 2.29
C GLU B 295 -14.56 10.08 1.16
N ALA B 296 -15.36 9.47 0.30
CA ALA B 296 -15.99 10.20 -0.80
C ALA B 296 -16.84 11.35 -0.26
N ALA B 297 -17.65 11.07 0.77
CA ALA B 297 -18.48 12.11 1.36
C ALA B 297 -17.61 13.21 1.99
N ARG B 298 -16.53 12.80 2.67
CA ARG B 298 -15.66 13.77 3.32
C ARG B 298 -14.88 14.59 2.31
N VAL B 299 -14.36 13.96 1.26
CA VAL B 299 -13.45 14.65 0.36
C VAL B 299 -14.21 15.45 -0.69
N LEU B 300 -15.24 14.86 -1.28
CA LEU B 300 -15.99 15.52 -2.36
C LEU B 300 -17.03 16.45 -1.73
N VAL B 301 -16.55 17.58 -1.21
CA VAL B 301 -17.42 18.54 -0.53
C VAL B 301 -18.16 19.46 -1.48
N ASP B 302 -17.78 19.47 -2.75
CA ASP B 302 -18.39 20.34 -3.73
C ASP B 302 -19.37 19.56 -4.58
N PRO B 303 -20.34 20.25 -5.20
CA PRO B 303 -21.27 19.54 -6.10
C PRO B 303 -20.57 18.89 -7.27
N VAL B 304 -19.46 19.47 -7.71
CA VAL B 304 -18.64 18.95 -8.80
C VAL B 304 -17.25 18.67 -8.22
N PRO B 305 -16.77 17.43 -8.25
CA PRO B 305 -15.44 17.17 -7.71
C PRO B 305 -14.36 17.90 -8.50
N SER B 306 -13.38 18.42 -7.78
CA SER B 306 -12.23 19.05 -8.41
C SER B 306 -11.15 18.00 -8.66
N TYR B 307 -10.17 18.37 -9.49
CA TYR B 307 -9.02 17.50 -9.67
C TYR B 307 -8.33 17.22 -8.34
N LYS B 308 -8.08 18.27 -7.55
CA LYS B 308 -7.39 18.09 -6.27
C LYS B 308 -8.18 17.17 -5.35
N GLN B 309 -9.51 17.29 -5.34
CA GLN B 309 -10.32 16.43 -4.50
C GLN B 309 -10.20 14.96 -4.91
N VAL B 310 -10.15 14.69 -6.22
CA VAL B 310 -9.99 13.31 -6.67
C VAL B 310 -8.67 12.74 -6.19
N LYS B 311 -7.62 13.58 -6.12
CA LYS B 311 -6.36 13.11 -5.57
C LYS B 311 -6.47 12.78 -4.09
N GLN B 312 -7.35 13.47 -3.37
CA GLN B 312 -7.50 13.20 -1.94
C GLN B 312 -8.28 11.93 -1.65
N LEU B 313 -8.89 11.31 -2.67
CA LEU B 313 -9.63 10.06 -2.50
C LEU B 313 -8.62 8.91 -2.46
N LYS B 314 -7.83 8.90 -1.39
CA LYS B 314 -6.78 7.90 -1.22
C LYS B 314 -7.37 6.50 -1.12
N TYR B 315 -8.36 6.33 -0.25
CA TYR B 315 -8.94 5.01 -0.03
C TYR B 315 -9.70 4.53 -1.26
N VAL B 316 -10.35 5.45 -1.98
CA VAL B 316 -10.99 5.06 -3.23
C VAL B 316 -9.96 4.47 -4.18
N GLY B 317 -8.84 5.17 -4.35
CA GLY B 317 -7.73 4.61 -5.12
C GLY B 317 -7.23 3.30 -4.55
N MET B 318 -7.21 3.19 -3.22
CA MET B 318 -6.83 1.91 -2.62
C MET B 318 -7.82 0.82 -2.99
N VAL B 319 -9.12 1.17 -3.05
CA VAL B 319 -10.12 0.21 -3.51
C VAL B 319 -9.85 -0.19 -4.95
N LEU B 320 -9.60 0.82 -5.80
CA LEU B 320 -9.32 0.57 -7.21
C LEU B 320 -8.07 -0.28 -7.40
N ASN B 321 -7.02 -0.02 -6.62
CA ASN B 321 -5.83 -0.84 -6.74
C ASN B 321 -6.09 -2.27 -6.29
N GLU B 322 -6.86 -2.44 -5.22
CA GLU B 322 -7.18 -3.80 -4.78
C GLU B 322 -8.12 -4.51 -5.76
N ALA B 323 -9.02 -3.76 -6.40
CA ALA B 323 -9.82 -4.34 -7.47
C ALA B 323 -8.94 -4.73 -8.66
N LEU B 324 -7.96 -3.87 -9.00
CA LEU B 324 -6.99 -4.20 -10.02
C LEU B 324 -6.10 -5.37 -9.61
N ARG B 325 -5.85 -5.53 -8.31
CA ARG B 325 -5.09 -6.69 -7.86
C ARG B 325 -5.86 -7.97 -8.15
N LEU B 326 -7.08 -8.06 -7.64
CA LEU B 326 -7.84 -9.29 -7.80
C LEU B 326 -8.19 -9.55 -9.26
N TRP B 327 -8.62 -8.52 -9.98
CA TRP B 327 -9.04 -8.69 -11.36
C TRP B 327 -8.44 -7.59 -12.22
N PRO B 328 -7.15 -7.68 -12.53
CA PRO B 328 -6.55 -6.75 -13.48
C PRO B 328 -7.24 -6.90 -14.83
N THR B 329 -7.89 -5.81 -15.26
CA THR B 329 -8.81 -5.92 -16.39
C THR B 329 -8.08 -6.06 -17.71
N ALA B 330 -6.86 -5.60 -17.81
CA ALA B 330 -6.01 -6.05 -18.90
C ALA B 330 -5.16 -7.17 -18.29
N PRO B 331 -5.63 -8.41 -18.36
CA PRO B 331 -5.15 -9.45 -17.45
C PRO B 331 -3.82 -10.08 -17.82
N ALA B 332 -3.22 -9.67 -18.93
CA ALA B 332 -1.94 -10.27 -19.29
C ALA B 332 -1.22 -9.33 -20.22
N PHE B 333 0.09 -9.46 -20.25
CA PHE B 333 0.90 -8.85 -21.29
C PHE B 333 2.02 -9.80 -21.64
N SER B 334 2.52 -9.66 -22.85
CA SER B 334 3.47 -10.60 -23.41
C SER B 334 4.85 -9.97 -23.48
N LEU B 335 5.86 -10.79 -23.26
CA LEU B 335 7.24 -10.37 -23.36
C LEU B 335 7.99 -11.38 -24.21
N TYR B 336 9.06 -10.92 -24.83
CA TYR B 336 9.98 -11.81 -25.51
C TYR B 336 11.38 -11.52 -24.99
N ALA B 337 12.20 -12.58 -24.92
CA ALA B 337 13.58 -12.40 -24.50
C ALA B 337 14.35 -11.73 -25.63
N LYS B 338 15.00 -10.60 -25.33
CA LYS B 338 15.78 -9.92 -26.35
C LYS B 338 17.04 -10.71 -26.71
N GLU B 339 17.62 -11.42 -25.74
CA GLU B 339 18.76 -12.28 -25.97
C GLU B 339 18.56 -13.56 -25.18
N ASP B 340 19.42 -14.55 -25.47
CA ASP B 340 19.43 -15.77 -24.67
C ASP B 340 19.61 -15.41 -23.20
N THR B 341 18.69 -15.88 -22.38
CA THR B 341 18.74 -15.56 -20.95
C THR B 341 18.15 -16.71 -20.15
N VAL B 342 18.36 -16.68 -18.84
CA VAL B 342 17.82 -17.76 -17.97
C VAL B 342 16.80 -17.11 -17.06
N LEU B 343 15.62 -17.68 -17.01
CA LEU B 343 14.56 -17.11 -16.17
C LEU B 343 14.53 -17.86 -14.83
N GLY B 344 14.77 -17.13 -13.76
CA GLY B 344 14.71 -17.71 -12.43
C GLY B 344 15.79 -18.72 -12.12
N GLY B 345 16.90 -18.70 -12.87
CA GLY B 345 18.00 -19.60 -12.59
C GLY B 345 17.74 -21.05 -12.94
N GLU B 346 16.65 -21.36 -13.62
CA GLU B 346 16.36 -22.74 -13.99
C GLU B 346 15.56 -22.89 -15.27
N TYR B 347 15.15 -21.80 -15.93
CA TYR B 347 14.38 -21.88 -17.16
C TYR B 347 15.14 -21.13 -18.25
N PRO B 348 15.99 -21.81 -19.01
CA PRO B 348 16.73 -21.13 -20.08
C PRO B 348 15.80 -20.71 -21.19
N LEU B 349 15.94 -19.45 -21.61
CA LEU B 349 15.14 -18.90 -22.69
C LEU B 349 16.07 -18.48 -23.82
N GLU B 350 15.73 -18.87 -25.04
CA GLU B 350 16.49 -18.45 -26.21
C GLU B 350 15.97 -17.10 -26.68
N LYS B 351 16.78 -16.44 -27.52
CA LYS B 351 16.40 -15.14 -28.06
C LYS B 351 15.07 -15.23 -28.77
N GLY B 352 14.14 -14.34 -28.39
CA GLY B 352 12.82 -14.35 -28.98
C GLY B 352 11.82 -15.26 -28.30
N ASP B 353 12.23 -16.03 -27.30
CA ASP B 353 11.28 -16.84 -26.55
C ASP B 353 10.25 -15.94 -25.90
N GLU B 354 9.00 -16.37 -25.94
CA GLU B 354 7.87 -15.56 -25.53
C GLU B 354 7.47 -15.88 -24.10
N LEU B 355 7.10 -14.85 -23.35
CA LEU B 355 6.59 -14.98 -22.00
C LEU B 355 5.23 -14.30 -21.90
N MET B 356 4.31 -14.92 -21.19
CA MET B 356 3.04 -14.30 -20.83
C MET B 356 3.03 -14.03 -19.33
N VAL B 357 2.70 -12.80 -18.94
CA VAL B 357 2.57 -12.43 -17.55
C VAL B 357 1.10 -12.56 -17.19
N LEU B 358 0.76 -13.61 -16.44
CA LEU B 358 -0.62 -13.82 -16.00
C LEU B 358 -0.84 -12.90 -14.79
N ILE B 359 -1.33 -11.69 -15.08
CA ILE B 359 -1.41 -10.67 -14.03
C ILE B 359 -2.29 -11.08 -12.87
N PRO B 360 -3.49 -11.64 -13.06
CA PRO B 360 -4.29 -12.04 -11.89
C PRO B 360 -3.60 -13.07 -11.02
N GLN B 361 -2.79 -13.95 -11.61
CA GLN B 361 -2.05 -14.91 -10.80
C GLN B 361 -0.89 -14.23 -10.07
N LEU B 362 -0.15 -13.37 -10.77
CA LEU B 362 0.88 -12.55 -10.13
C LEU B 362 0.31 -11.86 -8.90
N HIS B 363 -0.86 -11.25 -9.05
CA HIS B 363 -1.50 -10.53 -7.97
C HIS B 363 -2.09 -11.45 -6.92
N ARG B 364 -1.98 -12.76 -7.09
CA ARG B 364 -2.33 -13.74 -6.08
C ARG B 364 -1.10 -14.50 -5.57
N ASP B 365 0.10 -13.98 -5.85
CA ASP B 365 1.32 -14.56 -5.33
C ASP B 365 1.31 -14.48 -3.81
N LYS B 366 1.02 -15.60 -3.13
CA LYS B 366 0.95 -15.59 -1.68
C LYS B 366 2.27 -15.17 -1.05
N THR B 367 3.39 -15.47 -1.70
CA THR B 367 4.70 -15.08 -1.17
C THR B 367 4.90 -13.58 -1.15
N ILE B 368 4.04 -12.81 -1.82
CA ILE B 368 4.11 -11.35 -1.82
C ILE B 368 3.03 -10.75 -0.93
N TRP B 369 1.81 -11.25 -1.04
CA TRP B 369 0.64 -10.64 -0.43
C TRP B 369 0.15 -11.38 0.82
N GLY B 370 0.74 -12.52 1.16
CA GLY B 370 0.23 -13.34 2.24
C GLY B 370 -0.78 -14.35 1.73
N ASP B 371 -1.32 -15.13 2.67
CA ASP B 371 -2.27 -16.18 2.28
C ASP B 371 -3.63 -15.61 1.88
N ASP B 372 -3.98 -14.42 2.35
CA ASP B 372 -5.30 -13.85 2.07
C ASP B 372 -5.38 -13.18 0.71
N VAL B 373 -4.75 -13.77 -0.32
CA VAL B 373 -4.70 -13.14 -1.63
C VAL B 373 -6.08 -12.95 -2.22
N GLU B 374 -7.02 -13.83 -1.89
CA GLU B 374 -8.35 -13.75 -2.46
C GLU B 374 -9.24 -12.76 -1.72
N GLU B 375 -8.82 -12.28 -0.56
CA GLU B 375 -9.60 -11.31 0.17
C GLU B 375 -9.47 -9.95 -0.48
N PHE B 376 -10.57 -9.21 -0.54
CA PHE B 376 -10.54 -7.85 -1.02
C PHE B 376 -10.26 -6.95 0.18
N ARG B 377 -9.01 -6.53 0.31
CA ARG B 377 -8.59 -5.66 1.41
C ARG B 377 -7.80 -4.50 0.83
N PRO B 378 -8.46 -3.38 0.51
CA PRO B 378 -7.73 -2.21 0.00
C PRO B 378 -6.62 -1.76 0.93
N GLU B 379 -6.73 -2.11 2.22
CA GLU B 379 -5.69 -1.79 3.19
C GLU B 379 -4.33 -2.36 2.81
N ARG B 380 -4.29 -3.31 1.87
CA ARG B 380 -3.00 -3.75 1.30
C ARG B 380 -2.27 -2.60 0.65
N PHE B 381 -3.01 -1.59 0.18
CA PHE B 381 -2.44 -0.47 -0.56
C PHE B 381 -2.47 0.81 0.26
N GLU B 382 -2.70 0.71 1.58
CA GLU B 382 -2.70 1.89 2.43
C GLU B 382 -1.37 2.61 2.32
N ASN B 383 -0.29 1.87 2.27
CA ASN B 383 1.04 2.41 2.03
C ASN B 383 1.55 1.77 0.76
N PRO B 384 1.62 2.50 -0.36
CA PRO B 384 2.17 1.92 -1.59
C PRO B 384 3.61 1.49 -1.44
N SER B 385 4.28 1.91 -0.37
CA SER B 385 5.67 1.56 -0.13
C SER B 385 5.83 0.08 0.22
N ALA B 386 4.80 -0.55 0.80
CA ALA B 386 4.88 -1.93 1.21
C ALA B 386 4.78 -2.93 0.06
N ILE B 387 4.60 -2.46 -1.17
CA ILE B 387 4.40 -3.34 -2.31
C ILE B 387 5.76 -3.62 -2.95
N PRO B 388 6.20 -4.87 -3.02
CA PRO B 388 7.49 -5.16 -3.64
C PRO B 388 7.50 -4.80 -5.11
N GLN B 389 8.72 -4.74 -5.67
CA GLN B 389 8.86 -4.36 -7.08
C GLN B 389 8.27 -5.44 -7.97
N HIS B 390 7.45 -5.02 -8.92
CA HIS B 390 6.83 -5.88 -9.94
C HIS B 390 5.88 -6.91 -9.34
N ALA B 391 5.42 -6.67 -8.11
CA ALA B 391 4.37 -7.51 -7.55
C ALA B 391 2.99 -7.11 -8.04
N PHE B 392 2.83 -5.86 -8.47
CA PHE B 392 1.53 -5.28 -8.80
C PHE B 392 1.69 -4.62 -10.16
N LYS B 393 1.19 -5.29 -11.21
CA LYS B 393 1.39 -4.84 -12.59
C LYS B 393 0.08 -4.76 -13.37
N PRO B 394 -0.96 -4.12 -12.84
CA PRO B 394 -2.20 -4.02 -13.62
C PRO B 394 -2.04 -3.17 -14.85
N PHE B 395 -0.98 -2.38 -14.93
CA PHE B 395 -0.75 -1.44 -16.03
C PHE B 395 0.50 -1.80 -16.81
N GLY B 396 0.87 -3.07 -16.80
CA GLY B 396 2.01 -3.50 -17.57
C GLY B 396 3.33 -3.12 -16.92
N ASN B 397 4.35 -3.01 -17.74
CA ASN B 397 5.70 -2.83 -17.23
C ASN B 397 6.51 -1.87 -18.07
N GLY B 398 7.34 -1.07 -17.39
CA GLY B 398 8.38 -0.28 -18.01
C GLY B 398 7.83 0.72 -19.00
N GLN B 399 8.59 0.93 -20.07
CA GLN B 399 8.18 1.89 -21.09
C GLN B 399 6.97 1.42 -21.86
N ARG B 400 6.69 0.12 -21.86
CA ARG B 400 5.47 -0.40 -22.48
C ARG B 400 4.33 -0.50 -21.48
N ALA B 401 4.49 0.10 -20.31
CA ALA B 401 3.38 0.13 -19.36
C ALA B 401 2.26 0.99 -19.91
N CYS B 402 1.13 0.92 -19.22
CA CYS B 402 -0.05 1.65 -19.64
C CYS B 402 0.21 3.16 -19.63
N ILE B 403 0.15 3.79 -20.80
CA ILE B 403 0.28 5.24 -20.83
C ILE B 403 -0.95 5.92 -20.23
N GLY B 404 -2.09 5.24 -20.22
CA GLY B 404 -3.32 5.79 -19.68
C GLY B 404 -3.58 5.47 -18.23
N GLN B 405 -2.59 4.95 -17.50
CA GLN B 405 -2.78 4.57 -16.11
C GLN B 405 -3.35 5.73 -15.29
N GLN B 406 -2.66 6.87 -15.30
CA GLN B 406 -3.13 8.04 -14.54
C GLN B 406 -4.52 8.45 -15.01
N PHE B 407 -4.75 8.39 -16.33
CA PHE B 407 -6.07 8.68 -16.87
C PHE B 407 -7.11 7.72 -16.33
N ALA B 408 -6.84 6.42 -16.45
CA ALA B 408 -7.78 5.40 -15.98
C ALA B 408 -8.02 5.53 -14.48
N LEU B 409 -6.96 5.73 -13.71
CA LEU B 409 -7.10 5.81 -12.25
C LEU B 409 -7.80 7.09 -11.85
N HIS B 410 -7.50 8.21 -12.51
CA HIS B 410 -8.16 9.46 -12.17
C HIS B 410 -9.64 9.38 -12.47
N GLU B 411 -9.97 8.90 -13.66
CA GLU B 411 -11.38 8.74 -14.03
C GLU B 411 -12.08 7.79 -13.08
N ALA B 412 -11.49 6.62 -12.83
CA ALA B 412 -12.14 5.63 -11.97
C ALA B 412 -12.25 6.14 -10.54
N THR B 413 -11.27 6.90 -10.06
CA THR B 413 -11.36 7.44 -8.71
C THR B 413 -12.45 8.48 -8.64
N LEU B 414 -12.48 9.39 -9.62
CA LEU B 414 -13.52 10.40 -9.69
C LEU B 414 -14.90 9.75 -9.77
N VAL B 415 -15.05 8.78 -10.66
CA VAL B 415 -16.37 8.21 -10.91
C VAL B 415 -16.81 7.37 -9.72
N LEU B 416 -15.92 6.52 -9.22
CA LEU B 416 -16.26 5.75 -8.03
C LEU B 416 -16.48 6.66 -6.84
N GLY B 417 -15.67 7.72 -6.72
CA GLY B 417 -15.86 8.68 -5.64
C GLY B 417 -17.21 9.38 -5.74
N MET B 418 -17.61 9.77 -6.94
CA MET B 418 -18.93 10.35 -7.12
C MET B 418 -20.02 9.31 -6.87
N MET B 419 -19.81 8.08 -7.32
CA MET B 419 -20.78 7.01 -7.04
C MET B 419 -20.97 6.83 -5.55
N LEU B 420 -19.86 6.73 -4.80
CA LEU B 420 -19.95 6.51 -3.37
C LEU B 420 -20.56 7.71 -2.65
N LYS B 421 -20.31 8.92 -3.16
CA LYS B 421 -20.86 10.12 -2.56
C LYS B 421 -22.36 10.22 -2.75
N HIS B 422 -22.86 9.85 -3.94
CA HIS B 422 -24.23 10.15 -4.30
C HIS B 422 -25.19 9.00 -4.07
N PHE B 423 -24.71 7.79 -3.82
CA PHE B 423 -25.59 6.64 -3.74
C PHE B 423 -25.12 5.67 -2.66
N ASP B 424 -26.09 5.10 -1.97
CA ASP B 424 -25.89 3.85 -1.26
C ASP B 424 -26.17 2.72 -2.24
N PHE B 425 -25.34 1.69 -2.19
CA PHE B 425 -25.46 0.60 -3.16
C PHE B 425 -25.92 -0.68 -2.48
N GLU B 426 -26.79 -1.39 -3.17
CA GLU B 426 -27.33 -2.65 -2.67
C GLU B 426 -27.01 -3.75 -3.68
N ASP B 427 -26.39 -4.82 -3.20
CA ASP B 427 -26.22 -6.04 -3.98
C ASP B 427 -27.53 -6.82 -3.89
N HIS B 428 -28.56 -6.26 -4.55
CA HIS B 428 -29.92 -6.74 -4.35
C HIS B 428 -30.13 -8.15 -4.86
N THR B 429 -29.32 -8.61 -5.80
CA THR B 429 -29.43 -9.97 -6.30
C THR B 429 -28.47 -10.94 -5.62
N ASN B 430 -27.72 -10.47 -4.63
CA ASN B 430 -26.57 -11.21 -4.10
C ASN B 430 -25.75 -11.76 -5.27
N TYR B 431 -25.21 -10.81 -6.03
CA TYR B 431 -24.66 -11.13 -7.35
C TYR B 431 -23.53 -12.14 -7.25
N GLU B 432 -23.65 -13.21 -8.04
CA GLU B 432 -22.61 -14.24 -8.10
C GLU B 432 -21.61 -13.82 -9.16
N LEU B 433 -20.37 -13.56 -8.73
CA LEU B 433 -19.34 -13.06 -9.63
C LEU B 433 -19.17 -13.97 -10.83
N ASP B 434 -19.48 -13.46 -12.01
CA ASP B 434 -19.35 -14.18 -13.26
C ASP B 434 -18.50 -13.29 -14.16
N ILE B 435 -17.25 -13.67 -14.38
CA ILE B 435 -16.31 -12.81 -15.07
C ILE B 435 -16.38 -13.17 -16.55
N LYS B 436 -17.05 -12.32 -17.32
CA LYS B 436 -17.01 -12.45 -18.76
C LYS B 436 -15.65 -12.00 -19.26
N GLU B 437 -15.11 -12.73 -20.23
CA GLU B 437 -13.80 -12.48 -20.77
C GLU B 437 -13.92 -12.08 -22.23
N THR B 438 -13.46 -10.88 -22.54
CA THR B 438 -13.17 -10.46 -23.91
C THR B 438 -11.64 -10.44 -24.04
N LEU B 439 -11.07 -9.32 -24.43
CA LEU B 439 -9.63 -9.23 -24.24
C LEU B 439 -9.43 -8.62 -22.85
N THR B 440 -10.51 -8.15 -22.22
CA THR B 440 -10.49 -7.63 -20.86
C THR B 440 -11.44 -8.44 -20.01
N LEU B 441 -11.52 -8.09 -18.73
CA LEU B 441 -12.32 -8.80 -17.76
C LEU B 441 -13.39 -7.86 -17.22
N LYS B 442 -14.61 -8.40 -17.06
CA LYS B 442 -15.70 -7.63 -16.52
C LYS B 442 -16.63 -8.57 -15.76
N PRO B 443 -17.21 -8.13 -14.65
CA PRO B 443 -18.20 -8.96 -13.96
C PRO B 443 -19.53 -8.98 -14.68
N GLU B 444 -19.77 -10.00 -15.50
CA GLU B 444 -20.94 -10.03 -16.35
C GLU B 444 -22.21 -10.11 -15.53
N GLY B 445 -23.24 -9.38 -15.96
CA GLY B 445 -24.51 -9.39 -15.26
C GLY B 445 -24.48 -8.76 -13.90
N PHE B 446 -23.39 -8.11 -13.52
CA PHE B 446 -23.31 -7.48 -12.21
C PHE B 446 -24.31 -6.34 -12.16
N VAL B 447 -25.27 -6.46 -11.24
CA VAL B 447 -26.33 -5.49 -11.10
C VAL B 447 -26.39 -5.06 -9.64
N VAL B 448 -26.70 -3.78 -9.43
CA VAL B 448 -26.91 -3.22 -8.10
C VAL B 448 -28.13 -2.31 -8.15
N LYS B 449 -28.67 -2.06 -6.99
CA LYS B 449 -29.58 -0.94 -6.80
C LYS B 449 -28.80 0.18 -6.13
N ALA B 450 -29.05 1.40 -6.56
CA ALA B 450 -28.46 2.58 -5.93
C ALA B 450 -29.56 3.39 -5.30
N LYS B 451 -29.54 3.51 -3.98
CA LYS B 451 -30.39 4.47 -3.28
C LYS B 451 -29.63 5.79 -3.25
N SER B 452 -30.16 6.81 -3.92
CA SER B 452 -29.53 8.11 -3.91
C SER B 452 -29.46 8.66 -2.50
N LYS B 453 -28.38 9.36 -2.21
CA LYS B 453 -28.28 10.13 -0.98
C LYS B 453 -28.88 11.52 -1.12
N LYS B 454 -29.46 11.84 -2.29
CA LYS B 454 -30.16 13.09 -2.54
C LYS B 454 -29.23 14.29 -2.41
N ILE B 455 -27.98 14.12 -2.79
CA ILE B 455 -26.99 15.20 -2.76
C ILE B 455 -26.94 15.83 -4.15
N PRO B 456 -27.31 17.10 -4.29
CA PRO B 456 -27.41 17.70 -5.63
C PRO B 456 -26.03 17.85 -6.27
N LEU B 457 -26.06 18.12 -7.58
CA LEU B 457 -24.85 18.31 -8.36
C LEU B 457 -24.66 19.77 -8.76
C01 I7X C 1 7.71 12.31 20.93
C02 I7X C 1 6.37 12.98 21.14
C27 I7X C 1 7.65 11.32 19.80
C28 I7X C 1 7.13 9.98 20.24
C29 I7X C 1 8.21 8.92 20.18
C30 I7X C 1 9.29 9.17 19.15
C32 I7X C 1 8.75 8.08 17.06
C33 I7X C 1 8.91 6.82 16.54
C35 I7X C 1 9.72 6.90 18.45
N31 I7X C 1 9.26 8.08 18.23
N34 I7X C 1 9.52 6.12 17.43
O26 I7X C 1 5.75 13.34 20.27
N TYR C 2 5.92 13.18 22.46
CA TYR C 2 4.68 13.81 22.64
C TYR C 2 4.76 15.29 22.38
N TYR C 3 6.01 15.90 22.13
CA TYR C 3 6.09 17.31 21.87
C TYR C 3 7.33 17.61 21.13
C01 I7X D 1 -4.24 -10.13 -24.38
C02 I7X D 1 -3.71 -11.31 -23.59
C27 I7X D 1 -3.99 -8.83 -23.63
C28 I7X D 1 -5.16 -8.51 -22.70
C29 I7X D 1 -5.35 -7.01 -22.56
C30 I7X D 1 -5.20 -6.31 -23.90
C32 I7X D 1 -3.69 -4.41 -23.46
C33 I7X D 1 -3.87 -3.06 -23.20
C35 I7X D 1 -5.80 -3.97 -23.47
N31 I7X D 1 -4.91 -4.92 -23.62
N34 I7X D 1 -5.18 -2.84 -23.22
O26 I7X D 1 -2.55 -11.41 -23.35
N TYR D 2 -4.66 -12.30 -23.15
CA TYR D 2 -4.21 -13.45 -22.37
C TYR D 2 -3.34 -14.37 -23.20
N TYR D 3 -3.31 -14.21 -24.64
CA TYR D 3 -2.50 -15.11 -25.42
C TYR D 3 -2.14 -14.44 -26.74
CHA HEM E . 8.63 5.82 12.45
CHB HEM E . 6.06 3.67 15.94
CHC HEM E . 8.99 -0.19 15.77
CHD HEM E . 11.90 2.25 12.76
C1A HEM E . 7.66 5.58 13.40
C2A HEM E . 6.52 6.43 13.72
C3A HEM E . 5.82 5.83 14.67
C4A HEM E . 6.46 4.58 15.00
CMA HEM E . 4.53 6.39 15.33
CAA HEM E . 6.21 7.78 13.07
CBA HEM E . 7.19 8.79 13.67
CGA HEM E . 6.78 10.18 13.24
O1A HEM E . 7.37 11.16 13.76
O2A HEM E . 5.87 10.28 12.38
C1B HEM E . 6.60 2.42 16.16
C2B HEM E . 6.04 1.41 17.03
C3B HEM E . 6.87 0.34 17.00
C4B HEM E . 7.95 0.64 16.09
CMB HEM E . 4.75 1.62 17.86
CAB HEM E . 6.73 -1.01 17.74
CBB HEM E . 5.57 -1.45 18.26
C1C HEM E . 10.04 0.11 14.91
C2C HEM E . 11.09 -0.79 14.48
C3C HEM E . 11.89 -0.11 13.64
C4C HEM E . 11.37 1.24 13.52
CMC HEM E . 11.18 -2.26 14.96
CAC HEM E . 13.18 -0.56 12.89
CBC HEM E . 13.61 -1.83 12.85
C1D HEM E . 11.26 3.41 12.40
C2D HEM E . 11.74 4.37 11.44
C3D HEM E . 10.84 5.35 11.35
C4D HEM E . 9.75 5.05 12.25
CMD HEM E . 13.07 4.26 10.65
CAD HEM E . 10.90 6.60 10.44
CBD HEM E . 10.42 6.22 9.05
CGD HEM E . 10.53 7.42 8.15
O1D HEM E . 10.17 8.55 8.59
O2D HEM E . 10.96 7.25 6.98
NA HEM E . 7.58 4.47 14.20
NB HEM E . 7.75 1.92 15.60
NC HEM E . 10.25 1.32 14.30
ND HEM E . 10.05 3.86 12.88
FE HEM E . 8.88 2.89 14.18
N HOA F . 10.54 4.10 15.75
O HOA F . 9.88 3.45 16.80
CHA HEM G . -0.96 -0.48 -22.21
CHB HEM G . -3.72 -1.99 -18.54
CHC HEM G . -6.43 1.99 -19.04
CHD HEM G . -4.04 3.17 -23.08
C1A HEM G . -1.45 -1.24 -21.17
C2A HEM G . -0.88 -2.47 -20.64
C3A HEM G . -1.64 -2.89 -19.63
C4A HEM G . -2.71 -1.93 -19.48
CMA HEM G . -1.43 -4.15 -18.77
CAA HEM G . 0.37 -3.18 -21.17
CBA HEM G . -0.04 -3.90 -22.46
CGA HEM G . 1.06 -4.82 -22.90
O1A HEM G . 0.84 -5.61 -23.86
O2A HEM G . 2.16 -4.78 -22.28
C1B HEM G . -4.68 -1.03 -18.35
C2B HEM G . -5.69 -1.06 -17.30
C3B HEM G . -6.46 0.04 -17.45
C4B HEM G . -5.94 0.79 -18.57
CMB HEM G . -5.81 -2.21 -16.27
CAB HEM G . -7.66 0.51 -16.60
CBB HEM G . -7.93 0.06 -15.37
C1C HEM G . -6.02 2.67 -20.16
C2C HEM G . -6.53 3.95 -20.63
C3C HEM G . -5.86 4.28 -21.76
C4C HEM G . -4.92 3.22 -22.03
CMC HEM G . -7.65 4.72 -19.89
CAC HEM G . -5.99 5.51 -22.68
CBC HEM G . -6.71 6.60 -22.38
C1D HEM G . -2.98 2.30 -23.18
C2D HEM G . -1.92 2.37 -24.14
C3D HEM G . -1.07 1.36 -23.91
C4D HEM G . -1.56 0.62 -22.76
CMD HEM G . -1.81 3.42 -25.27
CAD HEM G . 0.22 1.02 -24.68
CBD HEM G . 1.33 1.90 -24.11
CGD HEM G . 2.59 1.65 -24.90
O1D HEM G . 2.87 0.48 -25.26
O2D HEM G . 3.29 2.65 -25.17
NA HEM G . -2.56 -0.95 -20.43
NB HEM G . -4.87 0.11 -19.09
NC HEM G . -5.04 2.27 -21.03
ND HEM G . -2.73 1.22 -22.35
FE HEM G . -3.79 0.69 -20.72
N HOA H . -5.49 -0.40 -22.09
O HOA H . -6.16 -0.97 -21.00
#